data_1H74
#
_entry.id   1H74
#
_cell.length_a   61.993
_cell.length_b   128.721
_cell.length_c   109.423
_cell.angle_alpha   90.00
_cell.angle_beta   105.57
_cell.angle_gamma   90.00
#
_symmetry.space_group_name_H-M   'P 1 21 1'
#
loop_
_entity.id
_entity.type
_entity.pdbx_description
1 polymer 'HOMOSERINE KINASE'
2 non-polymer ISOLEUCINE
3 non-polymer "ADENOSINE-5'-DIPHOSPHATE"
4 non-polymer 'PHOSPHOTHIOPHOSPHORIC ACID-ADENYLATE ESTER'
5 non-polymer 'MAGNESIUM ION'
6 water water
#
_entity_poly.entity_id   1
_entity_poly.type   'polypeptide(L)'
_entity_poly.pdbx_seq_one_letter_code
;MKVRVKAPCTSANLGVGFDVFGLCLKEPYDVIEVEAIDDKEIIIEVDDKNIPTDPDKNVAGIVAKKMIDDFNIGKGVKIT
IKKGVKAGSGLGSSAASSAGTAYAINELFKLNLDKLKLVDYASYGELASSGAKHADNVAPAIFGGFTMVTNYEPLEVLHI
PIDFKLDILIAIPNISINTKEAREILPKAVGLKDLVNNVGKACGMVYALYNKDKSLFGRYMMSDKVIEPVRGKLIPNYFK
IKEEVKDKVYGITISGSGPSIIAFPKEEFIDEVENILRDYYENTIRTEVGKGVEVV
;
_entity_poly.pdbx_strand_id   A,B,C,D
#
# COMPACT_ATOMS: atom_id res chain seq x y z
N MET A 1 12.16 32.03 -9.15
CA MET A 1 12.31 31.31 -7.84
C MET A 1 10.96 31.16 -7.14
N LYS A 2 10.08 30.35 -7.72
CA LYS A 2 8.77 30.17 -7.11
C LYS A 2 8.17 28.79 -7.38
N VAL A 3 7.20 28.42 -6.55
CA VAL A 3 6.54 27.13 -6.71
C VAL A 3 5.05 27.38 -6.58
N ARG A 4 4.26 26.57 -7.27
CA ARG A 4 2.82 26.69 -7.27
C ARG A 4 2.33 25.28 -6.87
N VAL A 5 1.39 25.24 -5.96
CA VAL A 5 0.91 23.99 -5.46
C VAL A 5 -0.62 23.95 -5.30
N LYS A 6 -1.20 22.75 -5.45
CA LYS A 6 -2.65 22.52 -5.23
C LYS A 6 -2.76 21.80 -3.86
N ALA A 7 -3.45 22.45 -2.91
CA ALA A 7 -3.64 21.94 -1.55
C ALA A 7 -5.13 21.60 -1.38
N PRO A 8 -5.43 20.33 -1.16
CA PRO A 8 -6.83 19.95 -1.04
C PRO A 8 -7.56 20.13 0.28
N CYS A 9 -8.88 20.16 0.13
CA CYS A 9 -9.81 20.21 1.26
C CYS A 9 -9.78 18.78 1.83
N THR A 10 -10.22 18.61 3.06
CA THR A 10 -10.18 17.32 3.69
C THR A 10 -11.40 17.22 4.59
N SER A 11 -11.85 15.98 4.86
N SER A 11 -11.81 15.98 4.89
CA SER A 11 -13.00 15.70 5.74
CA SER A 11 -12.93 15.71 5.76
C SER A 11 -12.45 14.94 6.98
C SER A 11 -12.52 14.92 6.97
N ALA A 12 -12.64 15.53 8.14
CA ALA A 12 -12.21 14.95 9.41
C ALA A 12 -13.33 14.33 10.22
N ASN A 13 -12.94 13.57 11.25
CA ASN A 13 -13.86 12.88 12.15
C ASN A 13 -14.50 11.62 11.57
N LEU A 14 -15.20 11.73 10.44
CA LEU A 14 -15.85 10.58 9.83
C LEU A 14 -16.65 9.77 10.86
N GLY A 15 -17.53 10.43 11.61
CA GLY A 15 -18.35 9.72 12.58
C GLY A 15 -17.57 9.28 13.82
N VAL A 16 -17.35 7.98 13.97
CA VAL A 16 -16.68 7.48 15.15
C VAL A 16 -15.17 7.78 15.24
N GLY A 17 -14.59 8.44 14.24
CA GLY A 17 -13.16 8.80 14.27
C GLY A 17 -12.85 10.23 14.75
N PHE A 18 -13.77 10.80 15.49
CA PHE A 18 -13.64 12.15 16.01
C PHE A 18 -12.24 12.49 16.50
N ASP A 19 -11.69 13.57 15.95
CA ASP A 19 -10.38 14.10 16.29
C ASP A 19 -9.20 13.19 15.92
N VAL A 20 -9.51 12.11 15.23
CA VAL A 20 -8.47 11.14 14.84
C VAL A 20 -8.41 10.97 13.33
N PHE A 21 -9.53 10.53 12.74
CA PHE A 21 -9.64 10.24 11.30
C PHE A 21 -9.65 11.44 10.38
N GLY A 22 -9.05 11.27 9.21
CA GLY A 22 -9.06 12.32 8.20
C GLY A 22 -9.07 11.69 6.81
N LEU A 23 -9.84 12.24 5.88
CA LEU A 23 -9.85 11.71 4.52
C LEU A 23 -9.51 12.90 3.59
N CYS A 24 -8.55 12.70 2.67
CA CYS A 24 -8.16 13.74 1.75
C CYS A 24 -9.13 13.77 0.56
N LEU A 25 -9.53 14.96 0.13
CA LEU A 25 -10.44 15.05 -1.02
C LEU A 25 -9.61 15.50 -2.24
N LYS A 26 -10.10 15.21 -3.43
CA LYS A 26 -9.40 15.67 -4.63
C LYS A 26 -9.81 17.13 -4.87
N GLU A 27 -11.08 17.43 -4.64
CA GLU A 27 -11.64 18.78 -4.78
C GLU A 27 -12.62 19.00 -3.61
N PRO A 28 -12.80 20.26 -3.19
CA PRO A 28 -12.15 21.49 -3.68
C PRO A 28 -10.69 21.53 -3.25
N TYR A 29 -9.97 22.55 -3.72
CA TYR A 29 -8.58 22.74 -3.33
C TYR A 29 -8.16 24.19 -3.48
N ASP A 30 -7.14 24.59 -2.71
CA ASP A 30 -6.59 25.93 -2.82
C ASP A 30 -5.46 25.82 -3.85
N VAL A 31 -5.14 26.92 -4.54
CA VAL A 31 -4.01 26.92 -5.46
C VAL A 31 -3.12 27.98 -4.83
N ILE A 32 -1.92 27.59 -4.44
CA ILE A 32 -1.03 28.51 -3.76
C ILE A 32 0.30 28.66 -4.47
N GLU A 33 0.73 29.90 -4.70
CA GLU A 33 2.01 30.14 -5.33
C GLU A 33 2.87 30.83 -4.29
N VAL A 34 4.13 30.45 -4.20
CA VAL A 34 5.01 31.06 -3.23
C VAL A 34 6.25 31.47 -4.00
N GLU A 35 6.65 32.73 -3.82
CA GLU A 35 7.80 33.27 -4.53
C GLU A 35 8.81 33.82 -3.53
N ALA A 36 10.06 33.47 -3.73
CA ALA A 36 11.10 33.97 -2.85
C ALA A 36 11.37 35.42 -3.27
N ILE A 37 11.33 36.32 -2.30
CA ILE A 37 11.58 37.73 -2.54
C ILE A 37 12.69 38.16 -1.60
N ASP A 38 13.54 39.08 -2.05
CA ASP A 38 14.67 39.58 -1.26
C ASP A 38 14.26 40.32 0.00
N ASP A 39 13.20 41.11 -0.12
CA ASP A 39 12.66 41.87 1.00
C ASP A 39 12.27 40.85 2.07
N LYS A 40 13.05 40.80 3.15
CA LYS A 40 12.81 39.86 4.24
C LYS A 40 11.55 40.11 5.03
N GLU A 41 10.42 40.07 4.32
CA GLU A 41 9.09 40.27 4.88
C GLU A 41 8.14 39.25 4.25
N ILE A 42 6.90 39.19 4.74
CA ILE A 42 5.93 38.24 4.20
C ILE A 42 4.67 38.90 3.66
N ILE A 43 4.55 38.87 2.34
CA ILE A 43 3.43 39.46 1.63
C ILE A 43 2.42 38.39 1.21
N ILE A 44 1.15 38.62 1.54
CA ILE A 44 0.08 37.67 1.19
C ILE A 44 -1.09 38.28 0.45
N GLU A 45 -1.55 37.60 -0.60
CA GLU A 45 -2.71 38.04 -1.38
C GLU A 45 -3.72 36.88 -1.39
N VAL A 46 -5.01 37.17 -1.26
CA VAL A 46 -6.04 36.14 -1.28
C VAL A 46 -7.22 36.62 -2.13
N ASP A 47 -7.91 35.69 -2.78
CA ASP A 47 -9.04 36.05 -3.63
C ASP A 47 -10.36 35.93 -2.87
N ASP A 48 -10.28 35.95 -1.54
CA ASP A 48 -11.46 35.85 -0.68
C ASP A 48 -11.31 37.01 0.31
N LYS A 49 -12.09 38.07 0.08
CA LYS A 49 -12.04 39.25 0.93
C LYS A 49 -12.21 38.98 2.42
N ASN A 50 -12.99 37.95 2.76
CA ASN A 50 -13.20 37.62 4.18
C ASN A 50 -12.05 36.87 4.86
N ILE A 51 -10.89 36.80 4.19
CA ILE A 51 -9.72 36.14 4.75
C ILE A 51 -8.58 37.15 4.89
N PRO A 52 -7.95 37.21 6.06
CA PRO A 52 -6.84 38.13 6.36
C PRO A 52 -5.67 38.11 5.38
N THR A 53 -4.98 39.24 5.32
CA THR A 53 -3.81 39.42 4.47
C THR A 53 -2.62 39.69 5.38
N ASP A 54 -2.93 39.94 6.65
CA ASP A 54 -1.93 40.18 7.69
C ASP A 54 -1.16 38.85 7.88
N PRO A 55 0.16 38.84 7.57
CA PRO A 55 1.01 37.65 7.69
C PRO A 55 0.89 36.96 9.04
N ASP A 56 0.33 37.66 10.03
CA ASP A 56 0.21 37.06 11.35
C ASP A 56 -1.19 36.63 11.63
N LYS A 57 -2.07 36.85 10.67
CA LYS A 57 -3.46 36.44 10.83
C LYS A 57 -3.74 35.34 9.81
N ASN A 58 -3.13 35.48 8.64
CA ASN A 58 -3.35 34.48 7.63
C ASN A 58 -2.46 33.29 7.97
N VAL A 59 -3.10 32.14 8.01
CA VAL A 59 -2.46 30.90 8.37
C VAL A 59 -1.22 30.58 7.53
N ALA A 60 -1.23 30.97 6.25
CA ALA A 60 -0.10 30.74 5.35
C ALA A 60 1.10 31.56 5.78
N GLY A 61 0.83 32.76 6.29
CA GLY A 61 1.91 33.63 6.75
C GLY A 61 2.46 33.14 8.05
N ILE A 62 1.59 32.62 8.91
CA ILE A 62 2.05 32.09 10.18
C ILE A 62 2.99 30.88 9.97
N VAL A 63 2.62 29.99 9.05
CA VAL A 63 3.44 28.80 8.77
C VAL A 63 4.75 29.19 8.11
N ALA A 64 4.66 30.06 7.11
CA ALA A 64 5.84 30.54 6.39
C ALA A 64 6.85 31.17 7.32
N LYS A 65 6.38 32.03 8.21
CA LYS A 65 7.30 32.67 9.13
C LYS A 65 8.00 31.67 10.07
N LYS A 66 7.25 30.75 10.65
CA LYS A 66 7.88 29.79 11.56
C LYS A 66 8.98 28.98 10.87
N MET A 67 8.75 28.60 9.60
CA MET A 67 9.71 27.83 8.83
C MET A 67 10.90 28.68 8.36
N ILE A 68 10.63 29.90 7.92
CA ILE A 68 11.74 30.76 7.50
C ILE A 68 12.57 30.99 8.76
N ASP A 69 11.91 31.24 9.89
CA ASP A 69 12.65 31.45 11.12
C ASP A 69 13.45 30.19 11.52
N ASP A 70 12.81 29.02 11.63
CA ASP A 70 13.53 27.82 12.01
C ASP A 70 14.69 27.45 11.09
N PHE A 71 14.57 27.74 9.80
CA PHE A 71 15.66 27.38 8.91
C PHE A 71 16.59 28.53 8.56
N ASN A 72 16.42 29.63 9.30
CA ASN A 72 17.25 30.82 9.12
C ASN A 72 17.40 31.07 7.63
N ILE A 73 16.26 31.14 6.96
CA ILE A 73 16.25 31.40 5.52
C ILE A 73 16.38 32.91 5.37
N GLY A 74 16.99 33.35 4.27
CA GLY A 74 17.16 34.78 4.09
C GLY A 74 15.97 35.46 3.43
N LYS A 75 15.65 35.00 2.24
CA LYS A 75 14.55 35.58 1.49
C LYS A 75 13.29 35.70 2.33
N GLY A 76 12.29 36.35 1.78
CA GLY A 76 11.01 36.49 2.44
C GLY A 76 10.16 35.88 1.34
N VAL A 77 8.84 35.88 1.47
CA VAL A 77 8.06 35.30 0.39
C VAL A 77 6.79 36.05 0.15
N LYS A 78 6.29 35.91 -1.07
CA LYS A 78 5.05 36.49 -1.49
C LYS A 78 4.15 35.27 -1.74
N ILE A 79 3.08 35.15 -0.96
CA ILE A 79 2.18 34.02 -1.09
C ILE A 79 0.90 34.47 -1.75
N THR A 80 0.56 33.86 -2.88
CA THR A 80 -0.67 34.20 -3.59
C THR A 80 -1.63 33.04 -3.44
N ILE A 81 -2.78 33.29 -2.82
CA ILE A 81 -3.78 32.27 -2.56
C ILE A 81 -5.12 32.44 -3.26
N LYS A 82 -5.53 31.36 -3.92
CA LYS A 82 -6.76 31.23 -4.70
C LYS A 82 -7.54 30.15 -3.92
N LYS A 83 -8.48 30.57 -3.06
CA LYS A 83 -9.26 29.66 -2.22
C LYS A 83 -10.24 28.69 -2.85
N GLY A 84 -10.21 27.44 -2.39
CA GLY A 84 -11.10 26.41 -2.90
C GLY A 84 -12.47 26.42 -2.23
N VAL A 85 -12.54 26.75 -0.95
CA VAL A 85 -13.84 26.78 -0.26
C VAL A 85 -13.79 27.78 0.90
N LYS A 86 -14.95 28.28 1.31
CA LYS A 86 -14.96 29.25 2.41
C LYS A 86 -14.54 28.60 3.74
N ALA A 87 -14.09 29.43 4.67
CA ALA A 87 -13.72 28.98 6.02
C ALA A 87 -15.05 28.66 6.75
N GLY A 88 -14.98 27.92 7.86
CA GLY A 88 -16.20 27.58 8.59
C GLY A 88 -17.16 26.64 7.87
N SER A 89 -16.66 25.86 6.91
CA SER A 89 -17.57 24.97 6.20
C SER A 89 -17.32 23.50 6.54
N GLY A 90 -16.26 23.25 7.32
CA GLY A 90 -15.95 21.90 7.76
C GLY A 90 -15.19 21.05 6.73
N LEU A 91 -14.58 21.71 5.76
CA LEU A 91 -13.81 21.01 4.72
C LEU A 91 -12.34 21.34 4.82
N GLY A 92 -11.90 21.75 6.03
CA GLY A 92 -10.48 22.07 6.21
C GLY A 92 -9.92 23.15 5.29
N SER A 93 -10.67 24.24 5.12
CA SER A 93 -10.20 25.33 4.25
C SER A 93 -8.92 25.95 4.80
N SER A 94 -8.89 26.20 6.11
CA SER A 94 -7.69 26.76 6.72
C SER A 94 -6.53 25.74 6.62
N ALA A 95 -6.84 24.47 6.83
CA ALA A 95 -5.75 23.42 6.75
C ALA A 95 -5.11 23.36 5.35
N ALA A 96 -5.92 23.53 4.30
CA ALA A 96 -5.41 23.49 2.94
C ALA A 96 -4.34 24.54 2.73
N SER A 97 -4.57 25.73 3.29
CA SER A 97 -3.59 26.81 3.17
C SER A 97 -2.41 26.55 4.04
N SER A 98 -2.63 25.99 5.22
CA SER A 98 -1.52 25.69 6.12
C SER A 98 -0.63 24.57 5.58
N ALA A 99 -1.24 23.47 5.14
CA ALA A 99 -0.47 22.33 4.60
C ALA A 99 0.21 22.72 3.27
N GLY A 100 -0.56 23.39 2.40
CA GLY A 100 -0.02 23.84 1.11
C GLY A 100 1.20 24.73 1.28
N THR A 101 1.16 25.65 2.23
CA THR A 101 2.31 26.53 2.46
C THR A 101 3.52 25.77 2.98
N ALA A 102 3.30 24.88 3.95
CA ALA A 102 4.39 24.09 4.50
C ALA A 102 5.02 23.28 3.39
N TYR A 103 4.18 22.63 2.56
CA TYR A 103 4.68 21.85 1.46
C TYR A 103 5.46 22.77 0.47
N ALA A 104 4.86 23.91 0.13
CA ALA A 104 5.50 24.82 -0.84
C ALA A 104 6.85 25.36 -0.37
N ILE A 105 6.93 25.75 0.90
CA ILE A 105 8.20 26.27 1.47
C ILE A 105 9.26 25.16 1.42
N ASN A 106 8.83 23.95 1.78
CA ASN A 106 9.74 22.81 1.75
C ASN A 106 10.25 22.59 0.32
N GLU A 107 9.40 22.70 -0.69
CA GLU A 107 9.86 22.50 -2.09
C GLU A 107 10.76 23.65 -2.56
N LEU A 108 10.28 24.87 -2.37
CA LEU A 108 10.98 26.08 -2.81
C LEU A 108 12.35 26.20 -2.18
N PHE A 109 12.45 25.96 -0.88
CA PHE A 109 13.75 26.08 -0.26
C PHE A 109 14.52 24.78 -0.08
N LYS A 110 14.08 23.72 -0.73
CA LYS A 110 14.78 22.44 -0.67
C LYS A 110 15.12 21.99 0.74
N LEU A 111 14.14 22.00 1.63
CA LEU A 111 14.37 21.58 2.99
C LEU A 111 14.33 20.04 3.18
N ASN A 112 13.82 19.30 2.18
CA ASN A 112 13.78 17.82 2.27
C ASN A 112 13.17 17.26 3.51
N LEU A 113 12.14 17.90 4.06
CA LEU A 113 11.51 17.47 5.31
C LEU A 113 10.51 16.34 5.07
N ASP A 114 10.38 15.41 6.00
CA ASP A 114 9.39 14.34 5.79
C ASP A 114 7.97 14.84 6.05
N LYS A 115 7.00 14.10 5.52
CA LYS A 115 5.64 14.49 5.61
C LYS A 115 5.15 14.79 7.01
N LEU A 116 5.55 13.97 7.98
CA LEU A 116 5.12 14.17 9.36
C LEU A 116 5.49 15.59 9.85
N LYS A 117 6.68 16.01 9.45
CA LYS A 117 7.20 17.32 9.86
C LYS A 117 6.43 18.42 9.18
N LEU A 118 6.03 18.22 7.91
CA LEU A 118 5.24 19.23 7.22
C LEU A 118 3.90 19.32 7.92
N VAL A 119 3.37 18.19 8.38
CA VAL A 119 2.08 18.21 9.08
C VAL A 119 2.24 19.01 10.41
N ASP A 120 3.37 18.82 11.07
CA ASP A 120 3.64 19.48 12.34
C ASP A 120 3.72 21.01 12.09
N TYR A 121 4.48 21.44 11.09
CA TYR A 121 4.53 22.88 10.80
C TYR A 121 3.17 23.44 10.46
N ALA A 122 2.45 22.73 9.60
CA ALA A 122 1.14 23.19 9.21
C ALA A 122 0.20 23.31 10.39
N SER A 123 0.42 22.44 11.37
N SER A 123 0.38 22.43 11.38
CA SER A 123 -0.41 22.42 12.56
CA SER A 123 -0.50 22.44 12.55
C SER A 123 -0.33 23.74 13.33
C SER A 123 -0.34 23.75 13.35
N TYR A 124 0.82 24.40 13.24
CA TYR A 124 1.00 25.68 13.94
C TYR A 124 0.03 26.69 13.41
N GLY A 125 -0.22 26.64 12.10
CA GLY A 125 -1.16 27.56 11.51
C GLY A 125 -2.52 27.37 12.14
N GLU A 126 -2.92 26.12 12.30
CA GLU A 126 -4.21 25.81 12.87
C GLU A 126 -4.28 26.26 14.32
N LEU A 127 -3.14 26.25 15.00
CA LEU A 127 -3.10 26.66 16.39
C LEU A 127 -3.32 28.15 16.52
N ALA A 128 -2.27 28.91 16.17
CA ALA A 128 -2.30 30.38 16.23
C ALA A 128 -3.62 30.96 15.75
N SER A 129 -4.31 30.23 14.89
CA SER A 129 -5.58 30.70 14.34
C SER A 129 -6.83 29.94 14.86
N SER A 130 -6.66 29.18 15.94
CA SER A 130 -7.78 28.42 16.51
C SER A 130 -7.50 27.90 17.91
N GLY A 131 -6.38 28.33 18.49
CA GLY A 131 -6.02 27.92 19.84
C GLY A 131 -5.71 26.46 20.05
N ALA A 132 -6.00 25.65 19.03
CA ALA A 132 -5.73 24.22 19.10
C ALA A 132 -4.84 23.81 17.93
N LYS A 133 -3.73 23.15 18.27
CA LYS A 133 -2.77 22.68 17.29
C LYS A 133 -3.30 21.37 16.68
N HIS A 134 -4.56 21.38 16.21
CA HIS A 134 -5.14 20.17 15.64
C HIS A 134 -4.50 19.85 14.30
N ALA A 135 -4.34 18.54 14.07
CA ALA A 135 -3.71 18.06 12.85
C ALA A 135 -4.55 17.06 12.06
N ASP A 136 -5.81 16.84 12.46
CA ASP A 136 -6.61 15.86 11.73
C ASP A 136 -7.09 16.28 10.33
N ASN A 137 -6.95 17.59 10.02
CA ASN A 137 -7.25 18.06 8.67
C ASN A 137 -5.91 18.27 7.96
N VAL A 138 -4.88 18.79 8.63
CA VAL A 138 -3.65 18.99 7.88
C VAL A 138 -2.92 17.65 7.56
N ALA A 139 -3.08 16.62 8.40
CA ALA A 139 -2.44 15.31 8.14
C ALA A 139 -2.96 14.72 6.79
N PRO A 140 -4.28 14.67 6.59
CA PRO A 140 -4.68 14.11 5.30
C PRO A 140 -4.36 15.08 4.13
N ALA A 141 -4.33 16.38 4.41
CA ALA A 141 -4.00 17.31 3.32
C ALA A 141 -2.60 17.01 2.79
N ILE A 142 -1.67 16.69 3.69
CA ILE A 142 -0.30 16.40 3.31
C ILE A 142 -0.10 14.97 2.80
N PHE A 143 -0.61 13.99 3.55
CA PHE A 143 -0.44 12.58 3.17
C PHE A 143 -1.31 12.02 2.06
N GLY A 144 -2.50 12.60 1.85
CA GLY A 144 -3.41 12.05 0.87
C GLY A 144 -4.10 10.83 1.52
N GLY A 145 -5.04 10.23 0.83
CA GLY A 145 -5.72 9.07 1.39
C GLY A 145 -6.43 9.27 2.74
N PHE A 146 -6.30 8.27 3.59
CA PHE A 146 -6.91 8.24 4.92
C PHE A 146 -5.79 8.33 5.97
N THR A 147 -5.96 9.17 6.98
CA THR A 147 -4.95 9.27 8.01
C THR A 147 -5.59 9.18 9.39
N MET A 148 -4.75 8.86 10.38
CA MET A 148 -5.19 8.79 11.76
C MET A 148 -4.17 9.54 12.62
N VAL A 149 -4.61 10.58 13.30
CA VAL A 149 -3.70 11.31 14.20
C VAL A 149 -3.82 10.49 15.51
N THR A 150 -2.77 9.75 15.85
CA THR A 150 -2.82 8.85 17.01
C THR A 150 -2.10 9.31 18.25
N ASN A 151 -1.48 10.48 18.17
CA ASN A 151 -0.77 11.07 19.29
C ASN A 151 -0.43 12.53 18.99
N TYR A 152 -0.34 13.38 20.02
CA TYR A 152 -0.01 14.79 19.80
C TYR A 152 1.31 15.31 20.31
N GLU A 153 1.70 14.97 21.52
CA GLU A 153 2.99 15.45 21.99
C GLU A 153 3.76 14.16 22.19
N PRO A 154 4.57 13.76 21.20
CA PRO A 154 4.89 14.30 19.88
C PRO A 154 3.81 13.85 18.89
N LEU A 155 3.69 14.57 17.78
CA LEU A 155 2.70 14.23 16.76
C LEU A 155 2.99 12.87 16.13
N GLU A 156 1.96 12.04 15.94
CA GLU A 156 2.16 10.77 15.24
C GLU A 156 0.98 10.70 14.31
N VAL A 157 1.25 10.38 13.05
CA VAL A 157 0.21 10.24 12.02
C VAL A 157 0.42 8.89 11.32
N LEU A 158 -0.66 8.12 11.17
CA LEU A 158 -0.61 6.84 10.51
C LEU A 158 -1.44 7.02 9.24
N HIS A 159 -0.83 6.63 8.13
CA HIS A 159 -1.42 6.78 6.81
C HIS A 159 -1.81 5.47 6.18
N ILE A 160 -3.04 5.41 5.66
CA ILE A 160 -3.56 4.24 4.95
C ILE A 160 -3.96 4.75 3.53
N PRO A 161 -3.13 4.36 2.53
CA PRO A 161 -3.53 4.86 1.21
C PRO A 161 -4.78 4.16 0.74
N ILE A 162 -5.59 4.84 -0.05
CA ILE A 162 -6.84 4.28 -0.57
C ILE A 162 -6.59 4.00 -2.07
N ASP A 163 -6.28 2.76 -2.41
CA ASP A 163 -6.00 2.47 -3.81
C ASP A 163 -7.23 2.01 -4.63
N PHE A 164 -8.37 1.80 -3.96
CA PHE A 164 -9.60 1.40 -4.65
C PHE A 164 -10.48 2.61 -4.92
N LYS A 165 -11.54 2.44 -5.69
CA LYS A 165 -12.38 3.57 -6.03
C LYS A 165 -13.33 3.92 -4.91
N LEU A 166 -13.39 5.20 -4.55
CA LEU A 166 -14.34 5.59 -3.50
C LEU A 166 -14.96 6.93 -3.94
N ASP A 167 -16.14 6.86 -4.55
CA ASP A 167 -16.79 8.10 -4.97
C ASP A 167 -17.28 8.87 -3.75
N ILE A 168 -17.06 10.17 -3.76
CA ILE A 168 -17.48 11.06 -2.67
C ILE A 168 -18.41 12.16 -3.21
N LEU A 169 -19.37 12.54 -2.38
CA LEU A 169 -20.32 13.58 -2.70
C LEU A 169 -20.29 14.47 -1.45
N ILE A 170 -20.11 15.77 -1.68
CA ILE A 170 -20.05 16.77 -0.63
C ILE A 170 -21.14 17.86 -0.82
N ALA A 171 -22.00 18.04 0.19
CA ALA A 171 -23.04 19.07 0.14
C ALA A 171 -22.51 20.19 1.04
N ILE A 172 -22.55 21.42 0.54
CA ILE A 172 -22.03 22.55 1.30
C ILE A 172 -23.11 23.59 1.60
N PRO A 173 -23.67 23.58 2.83
CA PRO A 173 -24.70 24.57 3.16
C PRO A 173 -24.14 26.00 3.14
N ASN A 174 -25.03 26.98 3.00
CA ASN A 174 -24.66 28.38 2.96
C ASN A 174 -24.51 28.96 4.37
N ILE A 175 -24.39 28.11 5.38
CA ILE A 175 -24.24 28.57 6.77
C ILE A 175 -22.80 28.27 7.21
N SER A 176 -22.41 28.77 8.37
CA SER A 176 -21.05 28.52 8.81
C SER A 176 -20.95 28.24 10.29
N ILE A 177 -19.98 27.39 10.62
CA ILE A 177 -19.75 27.01 11.99
C ILE A 177 -18.30 27.35 12.27
N ASN A 178 -18.06 28.29 13.17
CA ASN A 178 -16.67 28.56 13.41
C ASN A 178 -16.28 27.44 14.38
N THR A 179 -15.10 26.87 14.12
CA THR A 179 -14.67 25.74 14.91
C THR A 179 -14.60 25.97 16.45
N LYS A 180 -15.04 27.15 16.90
CA LYS A 180 -15.11 27.49 18.32
C LYS A 180 -16.57 27.23 18.72
N GLU A 181 -17.51 27.59 17.84
CA GLU A 181 -18.92 27.29 18.07
C GLU A 181 -18.93 25.76 18.10
N ALA A 182 -18.07 25.20 17.27
CA ALA A 182 -17.93 23.76 17.11
C ALA A 182 -17.71 22.94 18.38
N ARG A 183 -16.76 23.36 19.20
CA ARG A 183 -16.48 22.57 20.39
C ARG A 183 -17.32 22.82 21.65
N GLU A 184 -17.84 24.03 21.82
CA GLU A 184 -18.64 24.29 23.02
C GLU A 184 -19.76 23.26 23.11
N ILE A 185 -20.49 23.08 22.02
CA ILE A 185 -21.59 22.12 21.98
C ILE A 185 -21.15 20.71 22.39
N LEU A 186 -19.86 20.40 22.21
CA LEU A 186 -19.31 19.10 22.56
C LEU A 186 -19.53 18.70 24.00
N PRO A 187 -19.99 17.45 24.25
CA PRO A 187 -20.23 16.94 25.59
C PRO A 187 -18.92 16.96 26.35
N LYS A 188 -18.97 17.14 27.66
CA LYS A 188 -17.71 17.15 28.38
C LYS A 188 -17.41 15.73 28.84
N ALA A 189 -18.46 14.92 28.94
CA ALA A 189 -18.32 13.53 29.37
C ALA A 189 -18.95 12.55 28.40
N VAL A 190 -18.42 11.34 28.39
CA VAL A 190 -18.90 10.27 27.52
C VAL A 190 -19.13 9.05 28.41
N GLY A 191 -20.14 8.25 28.11
CA GLY A 191 -20.40 7.06 28.90
C GLY A 191 -19.46 5.94 28.47
N LEU A 192 -19.17 5.00 29.36
CA LEU A 192 -18.27 3.89 29.03
C LEU A 192 -18.76 3.10 27.83
N LYS A 193 -20.07 2.90 27.75
CA LYS A 193 -20.62 2.14 26.64
C LYS A 193 -20.36 2.83 25.31
N ASP A 194 -20.38 4.17 25.31
CA ASP A 194 -20.13 4.93 24.09
C ASP A 194 -18.67 4.85 23.71
N LEU A 195 -17.78 4.96 24.69
CA LEU A 195 -16.35 4.83 24.45
C LEU A 195 -16.13 3.45 23.78
N VAL A 196 -16.66 2.40 24.40
CA VAL A 196 -16.52 1.03 23.86
C VAL A 196 -17.10 0.93 22.46
N ASN A 197 -18.27 1.53 22.23
CA ASN A 197 -18.87 1.47 20.88
C ASN A 197 -18.00 2.19 19.86
N ASN A 198 -17.54 3.40 20.17
CA ASN A 198 -16.75 4.14 19.19
C ASN A 198 -15.38 3.48 18.91
N VAL A 199 -14.74 2.92 19.93
CA VAL A 199 -13.46 2.23 19.74
C VAL A 199 -13.71 1.03 18.82
N GLY A 200 -14.70 0.22 19.14
CA GLY A 200 -15.00 -0.94 18.32
C GLY A 200 -15.30 -0.55 16.87
N LYS A 201 -16.20 0.41 16.66
CA LYS A 201 -16.55 0.81 15.30
C LYS A 201 -15.45 1.54 14.55
N ALA A 202 -14.62 2.30 15.26
CA ALA A 202 -13.53 3.01 14.59
C ALA A 202 -12.51 1.95 14.13
N CYS A 203 -12.22 0.98 14.98
CA CYS A 203 -11.30 -0.12 14.63
C CYS A 203 -11.84 -0.92 13.45
N GLY A 204 -13.17 -1.11 13.43
CA GLY A 204 -13.80 -1.84 12.34
C GLY A 204 -13.64 -1.06 11.03
N MET A 205 -13.64 0.27 11.11
CA MET A 205 -13.45 1.08 9.88
C MET A 205 -12.03 0.88 9.35
N VAL A 206 -11.05 0.73 10.24
CA VAL A 206 -9.69 0.52 9.79
C VAL A 206 -9.62 -0.87 9.09
N TYR A 207 -10.13 -1.88 9.76
CA TYR A 207 -10.18 -3.23 9.20
C TYR A 207 -10.85 -3.17 7.83
N ALA A 208 -11.95 -2.41 7.72
CA ALA A 208 -12.67 -2.28 6.46
C ALA A 208 -11.84 -1.69 5.36
N LEU A 209 -10.97 -0.74 5.68
CA LEU A 209 -10.14 -0.16 4.63
C LEU A 209 -9.15 -1.21 4.13
N TYR A 210 -8.52 -1.96 5.05
CA TYR A 210 -7.57 -2.99 4.62
C TYR A 210 -8.23 -4.11 3.84
N ASN A 211 -9.52 -4.31 4.08
CA ASN A 211 -10.25 -5.37 3.38
C ASN A 211 -11.10 -4.77 2.26
N LYS A 212 -10.83 -3.49 1.95
CA LYS A 212 -11.56 -2.76 0.91
C LYS A 212 -13.07 -2.97 0.93
N ASP A 213 -13.64 -2.97 2.13
CA ASP A 213 -15.06 -3.18 2.32
C ASP A 213 -15.80 -1.85 2.59
N LYS A 214 -16.30 -1.23 1.52
CA LYS A 214 -17.01 0.05 1.65
C LYS A 214 -18.31 0.02 2.44
N SER A 215 -19.04 -1.10 2.41
CA SER A 215 -20.29 -1.17 3.17
C SER A 215 -19.97 -1.17 4.65
N LEU A 216 -18.95 -1.94 5.04
CA LEU A 216 -18.55 -2.02 6.44
C LEU A 216 -18.03 -0.64 6.88
N PHE A 217 -17.21 -0.02 6.06
CA PHE A 217 -16.65 1.29 6.41
C PHE A 217 -17.79 2.30 6.67
N GLY A 218 -18.68 2.44 5.69
CA GLY A 218 -19.80 3.36 5.78
C GLY A 218 -20.76 3.07 6.91
N ARG A 219 -21.09 1.80 7.12
CA ARG A 219 -22.03 1.49 8.18
C ARG A 219 -21.48 1.83 9.57
N TYR A 220 -20.24 1.46 9.86
CA TYR A 220 -19.69 1.76 11.17
C TYR A 220 -19.48 3.28 11.32
N MET A 221 -19.17 3.96 10.23
CA MET A 221 -18.96 5.40 10.24
C MET A 221 -20.22 6.11 10.76
N MET A 222 -21.40 5.55 10.48
CA MET A 222 -22.65 6.16 10.95
C MET A 222 -23.12 5.72 12.33
N SER A 223 -22.25 5.08 13.11
N SER A 223 -22.26 5.07 13.11
CA SER A 223 -22.66 4.59 14.44
CA SER A 223 -22.67 4.60 14.44
C SER A 223 -22.42 5.50 15.64
C SER A 223 -22.42 5.50 15.64
N ASP A 224 -21.84 6.68 15.42
CA ASP A 224 -21.56 7.57 16.55
C ASP A 224 -22.82 8.16 17.19
N LYS A 225 -22.90 8.06 18.52
CA LYS A 225 -24.03 8.65 19.23
C LYS A 225 -23.55 9.70 20.21
N VAL A 226 -22.26 9.99 20.22
CA VAL A 226 -21.71 10.96 21.17
C VAL A 226 -21.73 12.37 20.62
N ILE A 227 -21.29 12.51 19.38
CA ILE A 227 -21.16 13.83 18.79
C ILE A 227 -22.08 14.11 17.62
N GLU A 228 -22.16 13.17 16.70
CA GLU A 228 -23.01 13.35 15.55
C GLU A 228 -24.45 13.81 15.85
N PRO A 229 -25.14 13.15 16.80
CA PRO A 229 -26.51 13.60 17.08
C PRO A 229 -26.58 15.08 17.46
N VAL A 230 -25.61 15.54 18.23
CA VAL A 230 -25.55 16.94 18.65
C VAL A 230 -25.30 17.88 17.46
N ARG A 231 -24.22 17.65 16.73
CA ARG A 231 -23.87 18.48 15.57
C ARG A 231 -24.81 18.43 14.41
N GLY A 232 -25.46 17.28 14.23
CA GLY A 232 -26.39 17.16 13.13
C GLY A 232 -27.55 18.13 13.23
N LYS A 233 -27.95 18.45 14.45
CA LYS A 233 -29.05 19.41 14.67
C LYS A 233 -28.72 20.81 14.14
N LEU A 234 -27.43 21.09 13.93
CA LEU A 234 -27.01 22.39 13.42
C LEU A 234 -27.10 22.45 11.91
N ILE A 235 -27.49 21.34 11.26
CA ILE A 235 -27.50 21.35 9.79
C ILE A 235 -28.92 21.16 9.25
N PRO A 236 -29.47 22.19 8.59
CA PRO A 236 -30.83 22.06 8.07
C PRO A 236 -31.06 20.80 7.25
N ASN A 237 -32.06 20.01 7.63
CA ASN A 237 -32.42 18.81 6.86
C ASN A 237 -31.45 17.63 6.86
N TYR A 238 -30.43 17.72 7.71
CA TYR A 238 -29.44 16.66 7.77
C TYR A 238 -30.05 15.27 8.07
N PHE A 239 -30.79 15.10 9.15
CA PHE A 239 -31.36 13.78 9.43
C PHE A 239 -32.37 13.33 8.38
N LYS A 240 -33.09 14.28 7.79
CA LYS A 240 -34.03 13.96 6.74
C LYS A 240 -33.23 13.48 5.52
N ILE A 241 -32.10 14.15 5.25
CA ILE A 241 -31.28 13.77 4.10
C ILE A 241 -30.69 12.37 4.27
N LYS A 242 -30.23 12.06 5.48
CA LYS A 242 -29.67 10.73 5.73
C LYS A 242 -30.70 9.64 5.44
N GLU A 243 -31.91 9.87 5.94
CA GLU A 243 -33.02 8.96 5.79
C GLU A 243 -33.33 8.75 4.29
N GLU A 244 -33.43 9.84 3.54
CA GLU A 244 -33.73 9.80 2.13
C GLU A 244 -32.70 9.10 1.23
N VAL A 245 -31.43 9.09 1.64
CA VAL A 245 -30.41 8.42 0.83
C VAL A 245 -30.02 7.09 1.43
N LYS A 246 -30.63 6.78 2.56
CA LYS A 246 -30.40 5.58 3.33
C LYS A 246 -29.77 4.38 2.61
N ASP A 247 -30.52 3.79 1.68
CA ASP A 247 -30.01 2.60 0.99
C ASP A 247 -29.29 2.82 -0.33
N LYS A 248 -28.89 4.06 -0.59
CA LYS A 248 -28.21 4.33 -1.84
C LYS A 248 -26.79 4.74 -1.58
N VAL A 249 -26.42 4.79 -0.31
CA VAL A 249 -25.06 5.16 0.07
C VAL A 249 -24.45 4.11 0.97
N TYR A 250 -23.14 4.03 0.95
CA TYR A 250 -22.43 3.12 1.83
C TYR A 250 -22.49 3.80 3.19
N GLY A 251 -22.46 5.13 3.18
CA GLY A 251 -22.54 5.85 4.43
C GLY A 251 -22.64 7.33 4.17
N ILE A 252 -23.09 8.07 5.18
CA ILE A 252 -23.18 9.51 5.07
C ILE A 252 -23.01 10.08 6.46
N THR A 253 -22.25 11.17 6.57
CA THR A 253 -22.06 11.79 7.89
C THR A 253 -21.63 13.24 7.71
N ILE A 254 -21.30 13.89 8.81
CA ILE A 254 -20.90 15.29 8.79
C ILE A 254 -19.41 15.38 8.51
N SER A 255 -18.99 16.33 7.69
N SER A 255 -18.99 16.34 7.69
CA SER A 255 -17.58 16.49 7.40
CA SER A 255 -17.58 16.51 7.36
C SER A 255 -17.02 17.47 8.41
C SER A 255 -17.01 17.46 8.42
N GLY A 256 -16.00 17.02 9.15
CA GLY A 256 -15.39 17.88 10.15
C GLY A 256 -16.42 18.35 11.18
N SER A 257 -16.36 19.63 11.56
CA SER A 257 -17.33 20.12 12.52
C SER A 257 -18.58 20.62 11.79
N GLY A 258 -18.66 20.34 10.49
CA GLY A 258 -19.81 20.77 9.70
C GLY A 258 -19.70 22.23 9.24
N PRO A 259 -20.74 22.76 8.58
CA PRO A 259 -22.02 22.15 8.20
C PRO A 259 -22.02 21.25 6.96
N SER A 260 -20.91 21.15 6.25
CA SER A 260 -20.88 20.28 5.05
C SER A 260 -21.12 18.82 5.41
N ILE A 261 -21.76 18.12 4.49
CA ILE A 261 -22.14 16.71 4.62
C ILE A 261 -21.34 15.87 3.61
N ILE A 262 -20.76 14.76 4.05
CA ILE A 262 -20.00 13.92 3.14
C ILE A 262 -20.71 12.60 2.97
N ALA A 263 -20.94 12.21 1.73
CA ALA A 263 -21.61 10.92 1.47
C ALA A 263 -20.76 10.05 0.55
N PHE A 264 -20.89 8.74 0.72
CA PHE A 264 -20.17 7.81 -0.13
C PHE A 264 -21.27 7.02 -0.83
N PRO A 265 -21.68 7.50 -1.99
CA PRO A 265 -22.75 6.86 -2.78
C PRO A 265 -22.45 5.48 -3.37
N LYS A 266 -23.46 4.61 -3.37
CA LYS A 266 -23.29 3.29 -3.98
C LYS A 266 -23.12 3.58 -5.49
N GLU A 267 -22.27 2.82 -6.16
CA GLU A 267 -22.02 3.03 -7.59
C GLU A 267 -23.27 3.14 -8.46
N GLU A 268 -24.29 2.34 -8.18
CA GLU A 268 -25.50 2.41 -9.00
C GLU A 268 -26.46 3.57 -8.71
N PHE A 269 -26.21 4.32 -7.65
CA PHE A 269 -27.09 5.45 -7.32
C PHE A 269 -26.38 6.78 -7.23
N ILE A 270 -25.17 6.88 -7.77
CA ILE A 270 -24.47 8.14 -7.64
C ILE A 270 -25.21 9.38 -8.17
N ASP A 271 -25.85 9.28 -9.32
CA ASP A 271 -26.59 10.44 -9.85
C ASP A 271 -27.82 10.70 -8.97
N GLU A 272 -28.57 9.66 -8.64
CA GLU A 272 -29.73 9.87 -7.81
C GLU A 272 -29.37 10.57 -6.48
N VAL A 273 -28.29 10.09 -5.84
CA VAL A 273 -27.88 10.68 -4.57
C VAL A 273 -27.39 12.12 -4.77
N GLU A 274 -26.68 12.38 -5.85
CA GLU A 274 -26.20 13.73 -6.08
C GLU A 274 -27.38 14.72 -6.29
N ASN A 275 -28.47 14.25 -6.89
CA ASN A 275 -29.61 15.12 -7.11
C ASN A 275 -30.39 15.35 -5.82
N ILE A 276 -30.52 14.31 -5.01
CA ILE A 276 -31.21 14.49 -3.74
C ILE A 276 -30.44 15.55 -2.94
N LEU A 277 -29.12 15.41 -2.84
CA LEU A 277 -28.33 16.40 -2.11
C LEU A 277 -28.56 17.79 -2.69
N ARG A 278 -28.20 17.96 -3.96
CA ARG A 278 -28.33 19.25 -4.63
C ARG A 278 -29.72 19.84 -4.48
N ASP A 279 -30.70 18.98 -4.22
CA ASP A 279 -32.09 19.38 -4.05
C ASP A 279 -32.26 20.18 -2.76
N TYR A 280 -31.43 19.90 -1.76
CA TYR A 280 -31.49 20.62 -0.49
C TYR A 280 -30.37 21.66 -0.45
N TYR A 281 -29.28 21.33 -1.14
CA TYR A 281 -28.10 22.19 -1.18
C TYR A 281 -27.56 22.24 -2.59
N GLU A 282 -27.59 23.44 -3.17
CA GLU A 282 -27.10 23.67 -4.53
C GLU A 282 -25.60 23.47 -4.67
N ASN A 283 -24.85 23.89 -3.65
CA ASN A 283 -23.42 23.74 -3.73
C ASN A 283 -23.09 22.32 -3.32
N THR A 284 -23.18 21.42 -4.30
CA THR A 284 -22.90 20.01 -4.07
C THR A 284 -21.82 19.65 -5.08
N ILE A 285 -20.75 19.00 -4.63
CA ILE A 285 -19.75 18.63 -5.62
C ILE A 285 -19.44 17.15 -5.52
N ARG A 286 -19.10 16.57 -6.66
CA ARG A 286 -18.77 15.16 -6.73
C ARG A 286 -17.26 15.03 -6.80
N THR A 287 -16.68 14.18 -5.97
CA THR A 287 -15.24 14.05 -6.01
C THR A 287 -14.86 12.64 -5.65
N GLU A 288 -13.62 12.50 -5.19
CA GLU A 288 -13.07 11.21 -4.77
C GLU A 288 -11.88 11.48 -3.86
N VAL A 289 -11.26 10.41 -3.38
CA VAL A 289 -10.14 10.49 -2.46
C VAL A 289 -8.98 11.08 -3.17
N GLY A 290 -8.35 12.07 -2.54
CA GLY A 290 -7.21 12.74 -3.12
C GLY A 290 -5.86 12.20 -2.64
N LYS A 291 -4.78 12.75 -3.20
CA LYS A 291 -3.40 12.36 -2.91
C LYS A 291 -2.60 13.36 -2.12
N GLY A 292 -3.21 14.44 -1.66
CA GLY A 292 -2.43 15.37 -0.86
C GLY A 292 -1.91 16.53 -1.68
N VAL A 293 -1.24 17.45 -1.00
CA VAL A 293 -0.70 18.61 -1.70
C VAL A 293 0.25 18.13 -2.81
N GLU A 294 0.20 18.78 -3.96
CA GLU A 294 1.11 18.40 -5.05
C GLU A 294 1.50 19.64 -5.85
N VAL A 295 2.65 19.57 -6.50
CA VAL A 295 3.13 20.68 -7.29
C VAL A 295 2.31 20.71 -8.57
N VAL A 296 1.93 21.91 -9.01
CA VAL A 296 1.20 22.03 -10.27
C VAL A 296 1.89 23.03 -11.21
N MET B 1 -18.42 -41.81 17.79
CA MET B 1 -19.46 -40.87 18.32
C MET B 1 -18.92 -39.93 19.39
N LYS B 2 -17.66 -39.53 19.22
CA LYS B 2 -17.00 -38.61 20.14
C LYS B 2 -15.77 -37.95 19.49
N VAL B 3 -15.46 -36.73 19.93
CA VAL B 3 -14.32 -35.97 19.40
C VAL B 3 -13.44 -35.36 20.49
N ARG B 4 -12.14 -35.24 20.22
CA ARG B 4 -11.18 -34.69 21.18
C ARG B 4 -10.59 -33.39 20.62
N VAL B 5 -10.59 -32.35 21.44
CA VAL B 5 -10.10 -31.05 20.99
C VAL B 5 -9.47 -30.20 22.10
N LYS B 6 -8.62 -29.25 21.71
CA LYS B 6 -7.98 -28.35 22.67
C LYS B 6 -8.65 -26.96 22.53
N ALA B 7 -9.15 -26.41 23.64
CA ALA B 7 -9.79 -25.09 23.65
C ALA B 7 -8.83 -24.17 24.42
N PRO B 8 -8.07 -23.34 23.70
CA PRO B 8 -7.08 -22.41 24.26
C PRO B 8 -7.51 -21.24 25.13
N CYS B 9 -6.57 -20.82 25.98
CA CYS B 9 -6.79 -19.65 26.80
C CYS B 9 -6.70 -18.41 25.87
N THR B 10 -7.24 -17.29 26.34
CA THR B 10 -7.26 -16.07 25.55
C THR B 10 -7.08 -14.86 26.47
N SER B 11 -6.66 -13.73 25.90
N SER B 11 -6.69 -13.73 25.90
CA SER B 11 -6.45 -12.50 26.67
CA SER B 11 -6.50 -12.51 26.69
C SER B 11 -7.29 -11.39 26.06
C SER B 11 -7.31 -11.39 26.06
N ALA B 12 -8.29 -10.89 26.80
CA ALA B 12 -9.14 -9.80 26.30
C ALA B 12 -8.68 -8.43 26.78
N ASN B 13 -9.18 -7.39 26.12
CA ASN B 13 -8.89 -5.99 26.41
C ASN B 13 -7.64 -5.40 25.74
N LEU B 14 -6.48 -5.95 26.09
CA LEU B 14 -5.22 -5.47 25.52
C LEU B 14 -5.14 -3.93 25.67
N GLY B 15 -5.39 -3.45 26.89
CA GLY B 15 -5.31 -2.02 27.18
C GLY B 15 -6.41 -1.17 26.57
N VAL B 16 -6.11 -0.46 25.47
CA VAL B 16 -7.11 0.41 24.85
C VAL B 16 -8.21 -0.33 24.11
N GLY B 17 -8.08 -1.66 23.97
CA GLY B 17 -9.13 -2.40 23.26
C GLY B 17 -10.20 -2.93 24.22
N PHE B 18 -10.28 -2.33 25.41
CA PHE B 18 -11.25 -2.77 26.42
C PHE B 18 -12.61 -3.17 25.83
N ASP B 19 -13.08 -4.38 26.15
CA ASP B 19 -14.37 -4.91 25.68
C ASP B 19 -14.51 -5.11 24.19
N VAL B 20 -13.40 -5.03 23.47
CA VAL B 20 -13.44 -5.23 22.02
C VAL B 20 -12.36 -6.23 21.56
N PHE B 21 -11.11 -5.97 21.92
CA PHE B 21 -9.99 -6.78 21.47
C PHE B 21 -9.85 -8.10 22.18
N GLY B 22 -9.39 -9.12 21.44
CA GLY B 22 -9.15 -10.43 22.03
C GLY B 22 -7.99 -11.07 21.31
N LEU B 23 -7.11 -11.73 22.04
CA LEU B 23 -5.96 -12.38 21.42
C LEU B 23 -5.93 -13.84 21.84
N CYS B 24 -5.86 -14.74 20.87
CA CYS B 24 -5.84 -16.16 21.19
C CYS B 24 -4.45 -16.65 21.60
N LEU B 25 -4.37 -17.42 22.69
CA LEU B 25 -3.06 -17.96 23.09
C LEU B 25 -2.87 -19.40 22.58
N LYS B 26 -1.62 -19.86 22.55
CA LYS B 26 -1.39 -21.22 22.09
C LYS B 26 -1.58 -22.12 23.32
N GLU B 27 -0.99 -21.71 24.44
CA GLU B 27 -1.08 -22.44 25.69
C GLU B 27 -1.31 -21.39 26.76
N PRO B 28 -2.00 -21.73 27.86
CA PRO B 28 -2.62 -23.02 28.19
C PRO B 28 -3.85 -23.29 27.34
N TYR B 29 -4.37 -24.51 27.44
CA TYR B 29 -5.57 -24.91 26.70
C TYR B 29 -6.31 -25.99 27.46
N ASP B 30 -7.64 -25.98 27.37
CA ASP B 30 -8.41 -27.03 28.01
C ASP B 30 -8.25 -28.20 27.05
N VAL B 31 -8.43 -29.40 27.56
CA VAL B 31 -8.38 -30.59 26.72
C VAL B 31 -9.76 -31.17 26.91
N ILE B 32 -10.56 -31.17 25.85
CA ILE B 32 -11.92 -31.68 25.97
C ILE B 32 -12.32 -32.74 24.94
N GLU B 33 -13.02 -33.74 25.45
CA GLU B 33 -13.53 -34.86 24.66
C GLU B 33 -15.01 -34.99 25.01
N VAL B 34 -15.83 -35.24 24.00
CA VAL B 34 -17.26 -35.37 24.23
C VAL B 34 -17.85 -36.62 23.58
N GLU B 35 -18.55 -37.42 24.37
CA GLU B 35 -19.19 -38.64 23.86
C GLU B 35 -20.69 -38.46 23.76
N ALA B 36 -21.27 -38.88 22.64
CA ALA B 36 -22.70 -38.78 22.42
C ALA B 36 -23.37 -39.96 23.12
N ILE B 37 -24.20 -39.68 24.12
CA ILE B 37 -24.90 -40.72 24.87
C ILE B 37 -26.43 -40.71 24.67
N ASP B 38 -27.00 -41.90 24.48
CA ASP B 38 -28.43 -42.06 24.26
C ASP B 38 -29.25 -41.54 25.43
N ASP B 39 -28.90 -41.95 26.64
CA ASP B 39 -29.60 -41.49 27.82
C ASP B 39 -29.54 -39.97 27.77
N LYS B 40 -30.70 -39.33 27.67
CA LYS B 40 -30.82 -37.89 27.60
C LYS B 40 -30.25 -37.22 28.86
N GLU B 41 -28.93 -37.25 28.99
CA GLU B 41 -28.26 -36.66 30.15
C GLU B 41 -26.99 -35.91 29.77
N ILE B 42 -26.63 -34.91 30.58
CA ILE B 42 -25.41 -34.15 30.31
C ILE B 42 -24.35 -34.50 31.35
N ILE B 43 -23.58 -35.53 31.06
CA ILE B 43 -22.55 -35.98 32.00
C ILE B 43 -21.26 -35.18 31.85
N ILE B 44 -21.09 -34.21 32.75
CA ILE B 44 -19.92 -33.36 32.76
C ILE B 44 -18.92 -33.85 33.81
N GLU B 45 -17.74 -34.25 33.33
CA GLU B 45 -16.67 -34.73 34.21
C GLU B 45 -15.45 -33.83 34.04
N VAL B 46 -15.23 -32.97 35.04
CA VAL B 46 -14.11 -32.03 34.99
C VAL B 46 -13.22 -32.15 36.20
N ASP B 47 -11.91 -32.27 35.97
CA ASP B 47 -10.96 -32.35 37.08
C ASP B 47 -11.12 -31.06 37.90
N ASP B 48 -10.17 -30.80 38.80
CA ASP B 48 -10.26 -29.60 39.62
C ASP B 48 -11.68 -29.56 40.19
N LYS B 49 -11.88 -30.23 41.33
CA LYS B 49 -13.19 -30.30 41.96
C LYS B 49 -13.81 -28.93 42.24
N ASN B 50 -13.18 -27.87 41.75
CA ASN B 50 -13.72 -26.53 41.98
C ASN B 50 -14.69 -26.10 40.89
N ILE B 51 -14.72 -26.83 39.78
CA ILE B 51 -15.62 -26.53 38.67
C ILE B 51 -16.91 -27.33 38.83
N PRO B 52 -18.07 -26.64 38.88
CA PRO B 52 -19.38 -27.28 39.03
C PRO B 52 -19.66 -28.35 37.98
N THR B 53 -19.77 -29.61 38.42
CA THR B 53 -20.06 -30.73 37.53
C THR B 53 -21.54 -30.76 37.18
N ASP B 54 -22.30 -29.93 37.89
CA ASP B 54 -23.74 -29.80 37.68
C ASP B 54 -24.01 -29.20 36.30
N PRO B 55 -24.41 -30.04 35.33
CA PRO B 55 -24.71 -29.64 33.95
C PRO B 55 -25.50 -28.33 33.80
N ASP B 56 -26.05 -27.87 34.91
CA ASP B 56 -26.82 -26.64 34.93
C ASP B 56 -25.85 -25.47 35.11
N LYS B 57 -24.84 -25.70 35.95
CA LYS B 57 -23.82 -24.69 36.26
C LYS B 57 -22.68 -24.67 35.23
N ASN B 58 -21.91 -25.76 35.15
CA ASN B 58 -20.79 -25.85 34.22
C ASN B 58 -21.14 -25.29 32.84
N VAL B 59 -20.37 -24.30 32.40
CA VAL B 59 -20.59 -23.66 31.11
C VAL B 59 -20.60 -24.65 29.95
N ALA B 60 -19.81 -25.72 30.07
CA ALA B 60 -19.73 -26.73 29.02
C ALA B 60 -21.07 -27.44 28.92
N GLY B 61 -21.83 -27.41 30.00
CA GLY B 61 -23.13 -28.04 30.03
C GLY B 61 -24.18 -27.14 29.42
N ILE B 62 -24.11 -25.86 29.76
CA ILE B 62 -25.05 -24.88 29.24
C ILE B 62 -24.98 -24.85 27.71
N VAL B 63 -23.77 -24.72 27.18
CA VAL B 63 -23.58 -24.70 25.74
C VAL B 63 -24.13 -25.98 25.15
N ALA B 64 -24.07 -27.05 25.92
CA ALA B 64 -24.57 -28.34 25.47
C ALA B 64 -26.09 -28.28 25.40
N LYS B 65 -26.73 -27.92 26.51
CA LYS B 65 -28.18 -27.85 26.55
C LYS B 65 -28.73 -26.89 25.48
N LYS B 66 -28.43 -25.59 25.62
CA LYS B 66 -28.89 -24.60 24.64
C LYS B 66 -28.63 -25.04 23.21
N MET B 67 -27.63 -25.90 23.02
CA MET B 67 -27.33 -26.38 21.68
C MET B 67 -28.13 -27.64 21.36
N ILE B 68 -27.80 -28.75 22.02
CA ILE B 68 -28.49 -30.03 21.81
C ILE B 68 -29.97 -29.76 21.52
N ASP B 69 -30.55 -28.89 22.34
CA ASP B 69 -31.93 -28.47 22.21
C ASP B 69 -32.24 -28.11 20.76
N ASP B 70 -31.68 -26.98 20.32
CA ASP B 70 -31.87 -26.48 18.97
C ASP B 70 -31.84 -27.59 17.93
N PHE B 71 -30.65 -28.05 17.59
CA PHE B 71 -30.47 -29.10 16.59
C PHE B 71 -31.17 -30.42 16.91
N ASN B 72 -31.99 -30.43 17.95
CA ASN B 72 -32.73 -31.62 18.38
C ASN B 72 -31.96 -32.92 18.14
N ILE B 73 -30.71 -32.96 18.58
CA ILE B 73 -29.87 -34.13 18.44
C ILE B 73 -30.56 -35.29 19.17
N GLY B 74 -31.47 -34.93 20.07
CA GLY B 74 -32.25 -35.87 20.85
C GLY B 74 -31.44 -36.79 21.73
N LYS B 75 -30.31 -36.28 22.21
CA LYS B 75 -29.43 -37.08 23.05
C LYS B 75 -28.90 -36.34 24.27
N GLY B 76 -27.80 -36.86 24.78
CA GLY B 76 -27.12 -36.29 25.93
C GLY B 76 -25.65 -36.48 25.60
N VAL B 77 -24.76 -36.09 26.50
CA VAL B 77 -23.33 -36.22 26.23
C VAL B 77 -22.39 -36.35 27.43
N LYS B 78 -21.30 -37.07 27.20
CA LYS B 78 -20.26 -37.26 28.22
C LYS B 78 -19.12 -36.30 27.90
N ILE B 79 -19.03 -35.25 28.70
CA ILE B 79 -18.04 -34.20 28.53
C ILE B 79 -16.86 -34.32 29.50
N THR B 80 -15.71 -34.75 28.99
CA THR B 80 -14.50 -34.90 29.81
C THR B 80 -13.63 -33.65 29.65
N ILE B 81 -13.49 -32.89 30.73
CA ILE B 81 -12.72 -31.66 30.67
C ILE B 81 -11.45 -31.58 31.49
N LYS B 82 -10.32 -31.48 30.79
CA LYS B 82 -9.04 -31.33 31.46
C LYS B 82 -8.81 -29.82 31.42
N LYS B 83 -8.84 -29.17 32.57
CA LYS B 83 -8.64 -27.72 32.60
C LYS B 83 -7.22 -27.36 32.20
N GLY B 84 -7.07 -26.21 31.55
CA GLY B 84 -5.77 -25.76 31.12
C GLY B 84 -5.20 -24.86 32.21
N VAL B 85 -6.06 -24.02 32.78
CA VAL B 85 -5.62 -23.13 33.83
C VAL B 85 -6.80 -22.68 34.68
N LYS B 86 -6.47 -22.21 35.88
CA LYS B 86 -7.44 -21.74 36.86
C LYS B 86 -8.48 -20.81 36.26
N ALA B 87 -9.53 -20.54 37.03
CA ALA B 87 -10.57 -19.61 36.60
C ALA B 87 -10.26 -18.31 37.32
N GLY B 88 -11.08 -17.28 37.08
CA GLY B 88 -10.87 -15.99 37.74
C GLY B 88 -9.46 -15.42 37.71
N SER B 89 -8.69 -15.76 36.67
CA SER B 89 -7.33 -15.26 36.55
C SER B 89 -7.21 -14.25 35.39
N GLY B 90 -8.26 -14.17 34.59
CA GLY B 90 -8.26 -13.24 33.47
C GLY B 90 -7.71 -13.84 32.20
N LEU B 91 -7.79 -15.17 32.06
CA LEU B 91 -7.29 -15.86 30.88
C LEU B 91 -8.33 -16.62 30.07
N GLY B 92 -9.59 -16.24 30.25
CA GLY B 92 -10.68 -16.87 29.53
C GLY B 92 -10.84 -18.36 29.76
N SER B 93 -10.69 -18.81 31.01
CA SER B 93 -10.83 -20.24 31.32
C SER B 93 -12.24 -20.72 30.99
N SER B 94 -13.22 -19.89 31.33
CA SER B 94 -14.61 -20.21 31.07
C SER B 94 -14.81 -20.33 29.56
N ALA B 95 -14.33 -19.30 28.85
CA ALA B 95 -14.43 -19.23 27.41
C ALA B 95 -13.79 -20.45 26.77
N ALA B 96 -12.70 -20.93 27.34
CA ALA B 96 -12.05 -22.10 26.80
C ALA B 96 -13.05 -23.28 26.76
N SER B 97 -13.70 -23.54 27.88
CA SER B 97 -14.67 -24.66 27.92
C SER B 97 -15.90 -24.38 27.05
N SER B 98 -16.47 -23.18 27.19
CA SER B 98 -17.65 -22.83 26.40
C SER B 98 -17.40 -23.01 24.91
N ALA B 99 -16.35 -22.35 24.41
CA ALA B 99 -16.02 -22.41 23.00
C ALA B 99 -15.52 -23.79 22.64
N GLY B 100 -14.70 -24.37 23.51
CA GLY B 100 -14.20 -25.70 23.26
C GLY B 100 -15.36 -26.65 23.07
N THR B 101 -16.35 -26.54 23.97
CA THR B 101 -17.54 -27.37 23.92
C THR B 101 -18.26 -27.21 22.58
N ALA B 102 -18.57 -25.96 22.22
CA ALA B 102 -19.26 -25.66 20.98
C ALA B 102 -18.56 -26.24 19.74
N TYR B 103 -17.26 -25.98 19.60
CA TYR B 103 -16.52 -26.48 18.44
C TYR B 103 -16.56 -28.02 18.32
N ALA B 104 -16.59 -28.72 19.44
CA ALA B 104 -16.65 -30.18 19.44
C ALA B 104 -18.04 -30.60 19.00
N ILE B 105 -19.05 -30.13 19.72
CA ILE B 105 -20.43 -30.42 19.39
C ILE B 105 -20.63 -30.29 17.89
N ASN B 106 -20.03 -29.26 17.30
CA ASN B 106 -20.15 -29.04 15.86
C ASN B 106 -19.53 -30.25 15.15
N GLU B 107 -18.20 -30.30 15.12
CA GLU B 107 -17.43 -31.37 14.49
C GLU B 107 -18.05 -32.76 14.68
N LEU B 108 -18.22 -33.14 15.94
CA LEU B 108 -18.75 -34.44 16.31
C LEU B 108 -20.15 -34.75 15.78
N PHE B 109 -21.10 -33.84 16.01
CA PHE B 109 -22.48 -34.08 15.60
C PHE B 109 -22.91 -33.69 14.19
N LYS B 110 -22.08 -34.00 13.19
CA LYS B 110 -22.44 -33.69 11.81
C LYS B 110 -22.42 -32.20 11.48
N LEU B 111 -23.09 -31.42 12.34
CA LEU B 111 -23.21 -29.96 12.21
C LEU B 111 -22.15 -29.26 11.36
N ASN B 112 -22.59 -28.22 10.65
CA ASN B 112 -21.69 -27.45 9.80
C ASN B 112 -21.78 -25.95 10.08
N LEU B 113 -22.07 -25.62 11.34
CA LEU B 113 -22.19 -24.23 11.77
C LEU B 113 -21.01 -23.34 11.38
N ASP B 114 -21.18 -22.03 11.57
CA ASP B 114 -20.14 -21.06 11.25
C ASP B 114 -19.35 -20.64 12.47
N LYS B 115 -18.08 -20.32 12.27
CA LYS B 115 -17.22 -19.89 13.37
C LYS B 115 -17.95 -18.79 14.13
N LEU B 116 -18.60 -17.89 13.41
CA LEU B 116 -19.33 -16.81 14.09
C LEU B 116 -20.46 -17.45 14.89
N LYS B 117 -21.10 -18.45 14.30
CA LYS B 117 -22.18 -19.13 14.99
C LYS B 117 -21.64 -19.84 16.22
N LEU B 118 -20.49 -20.49 16.09
CA LEU B 118 -19.89 -21.16 17.25
C LEU B 118 -19.56 -20.12 18.31
N VAL B 119 -19.13 -18.93 17.89
CA VAL B 119 -18.81 -17.89 18.87
C VAL B 119 -20.14 -17.47 19.50
N ASP B 120 -21.17 -17.42 18.67
CA ASP B 120 -22.51 -17.06 19.10
C ASP B 120 -23.01 -17.95 20.25
N TYR B 121 -23.17 -19.24 19.98
CA TYR B 121 -23.64 -20.18 20.99
C TYR B 121 -22.76 -20.15 22.23
N ALA B 122 -21.46 -20.24 22.01
CA ALA B 122 -20.48 -20.25 23.09
C ALA B 122 -20.68 -19.11 24.08
N SER B 123 -21.24 -18.00 23.58
CA SER B 123 -21.49 -16.81 24.38
C SER B 123 -22.51 -17.05 25.48
N TYR B 124 -23.56 -17.80 25.17
CA TYR B 124 -24.59 -18.09 26.15
C TYR B 124 -23.96 -18.73 27.37
N GLY B 125 -22.82 -19.39 27.17
CA GLY B 125 -22.13 -20.03 28.27
C GLY B 125 -21.62 -18.99 29.24
N GLU B 126 -20.92 -17.99 28.70
CA GLU B 126 -20.35 -16.92 29.49
C GLU B 126 -21.45 -16.11 30.16
N LEU B 127 -22.67 -16.19 29.60
CA LEU B 127 -23.83 -15.47 30.16
C LEU B 127 -24.00 -15.90 31.60
N ALA B 128 -24.34 -17.17 31.77
CA ALA B 128 -24.54 -17.76 33.09
C ALA B 128 -23.19 -18.28 33.55
N SER B 129 -22.42 -17.40 34.21
CA SER B 129 -21.09 -17.72 34.73
C SER B 129 -20.42 -16.40 35.09
N SER B 130 -20.74 -15.37 34.32
CA SER B 130 -20.20 -14.02 34.53
C SER B 130 -21.35 -13.02 34.57
N GLY B 131 -22.33 -13.19 33.69
CA GLY B 131 -23.46 -12.29 33.65
C GLY B 131 -23.91 -12.02 32.22
N ALA B 132 -23.21 -11.12 31.53
CA ALA B 132 -23.53 -10.77 30.16
C ALA B 132 -22.99 -11.83 29.21
N LYS B 133 -23.38 -11.76 27.94
CA LYS B 133 -22.94 -12.73 26.95
C LYS B 133 -21.45 -12.69 26.59
N HIS B 134 -20.73 -11.64 27.00
CA HIS B 134 -19.30 -11.51 26.70
C HIS B 134 -18.78 -12.38 25.57
N ALA B 135 -18.44 -11.76 24.44
CA ALA B 135 -17.91 -12.51 23.29
C ALA B 135 -16.44 -12.24 23.03
N ASP B 136 -15.84 -11.34 23.78
CA ASP B 136 -14.43 -11.00 23.53
C ASP B 136 -13.36 -12.04 23.89
N ASN B 137 -13.73 -13.08 24.63
CA ASN B 137 -12.78 -14.17 24.96
C ASN B 137 -13.16 -15.38 24.10
N VAL B 138 -14.45 -15.56 23.89
CA VAL B 138 -14.92 -16.67 23.11
C VAL B 138 -14.56 -16.52 21.61
N ALA B 139 -14.60 -15.29 21.10
CA ALA B 139 -14.29 -15.04 19.68
C ALA B 139 -12.85 -15.44 19.30
N PRO B 140 -11.86 -15.03 20.11
CA PRO B 140 -10.49 -15.44 19.73
C PRO B 140 -10.29 -16.92 19.94
N ALA B 141 -10.92 -17.49 20.98
CA ALA B 141 -10.79 -18.93 21.23
C ALA B 141 -11.16 -19.70 19.97
N ILE B 142 -12.26 -19.29 19.33
CA ILE B 142 -12.71 -19.93 18.09
C ILE B 142 -11.95 -19.50 16.81
N PHE B 143 -11.75 -18.19 16.63
CA PHE B 143 -11.08 -17.71 15.42
C PHE B 143 -9.57 -17.81 15.41
N GLY B 144 -8.96 -17.79 16.57
CA GLY B 144 -7.50 -17.83 16.60
C GLY B 144 -7.02 -16.40 16.32
N GLY B 145 -5.74 -16.15 16.49
CA GLY B 145 -5.21 -14.83 16.23
C GLY B 145 -5.81 -13.70 17.06
N PHE B 146 -6.14 -12.61 16.38
CA PHE B 146 -6.66 -11.39 16.99
C PHE B 146 -8.07 -11.13 16.50
N THR B 147 -8.95 -10.77 17.44
CA THR B 147 -10.34 -10.53 17.10
C THR B 147 -10.84 -9.23 17.71
N MET B 148 -11.87 -8.67 17.09
CA MET B 148 -12.49 -7.45 17.57
C MET B 148 -13.97 -7.68 17.57
N VAL B 149 -14.62 -7.58 18.74
CA VAL B 149 -16.09 -7.71 18.80
C VAL B 149 -16.58 -6.27 18.60
N THR B 150 -17.14 -6.04 17.42
CA THR B 150 -17.58 -4.70 17.03
C THR B 150 -19.07 -4.43 17.15
N ASN B 151 -19.82 -5.42 17.58
CA ASN B 151 -21.25 -5.22 17.75
C ASN B 151 -21.87 -6.42 18.42
N TYR B 152 -22.98 -6.17 19.12
CA TYR B 152 -23.75 -7.20 19.82
C TYR B 152 -25.17 -7.14 19.29
N GLU B 153 -25.82 -8.31 19.21
CA GLU B 153 -27.18 -8.41 18.66
C GLU B 153 -27.45 -7.35 17.61
N PRO B 154 -27.07 -7.63 16.36
CA PRO B 154 -26.39 -8.89 16.02
C PRO B 154 -24.91 -8.87 16.41
N LEU B 155 -24.39 -10.02 16.82
CA LEU B 155 -23.00 -10.14 17.21
C LEU B 155 -22.17 -10.06 15.95
N GLU B 156 -21.15 -9.21 15.98
CA GLU B 156 -20.24 -9.03 14.86
C GLU B 156 -18.82 -9.17 15.41
N VAL B 157 -18.01 -9.94 14.70
CA VAL B 157 -16.63 -10.20 15.09
C VAL B 157 -15.77 -10.02 13.83
N LEU B 158 -14.64 -9.36 13.99
CA LEU B 158 -13.72 -9.15 12.88
C LEU B 158 -12.43 -9.82 13.28
N HIS B 159 -11.96 -10.69 12.42
CA HIS B 159 -10.75 -11.46 12.68
C HIS B 159 -9.54 -11.00 11.87
N ILE B 160 -8.39 -10.89 12.52
CA ILE B 160 -7.15 -10.52 11.85
C ILE B 160 -6.14 -11.62 12.19
N PRO B 161 -5.85 -12.50 11.22
CA PRO B 161 -4.88 -13.59 11.42
C PRO B 161 -3.49 -13.05 11.76
N ILE B 162 -2.81 -13.67 12.73
CA ILE B 162 -1.47 -13.23 13.06
C ILE B 162 -0.54 -14.25 12.40
N ASP B 163 0.07 -13.86 11.30
CA ASP B 163 0.93 -14.74 10.52
C ASP B 163 2.43 -14.60 10.80
N PHE B 164 2.78 -13.81 11.79
CA PHE B 164 4.17 -13.59 12.15
C PHE B 164 4.32 -14.09 13.59
N LYS B 165 5.55 -14.39 13.99
CA LYS B 165 5.77 -14.87 15.35
C LYS B 165 5.65 -13.75 16.36
N LEU B 166 4.79 -13.98 17.36
CA LEU B 166 4.56 -13.01 18.43
C LEU B 166 4.71 -13.82 19.73
N ASP B 167 5.87 -13.67 20.36
CA ASP B 167 6.17 -14.35 21.60
C ASP B 167 5.36 -13.67 22.70
N ILE B 168 4.80 -14.49 23.57
CA ILE B 168 3.96 -14.04 24.66
C ILE B 168 4.39 -14.69 25.97
N LEU B 169 4.41 -13.88 27.02
CA LEU B 169 4.73 -14.34 28.35
C LEU B 169 3.51 -13.96 29.19
N ILE B 170 2.95 -14.93 29.92
CA ILE B 170 1.79 -14.75 30.79
C ILE B 170 2.24 -15.00 32.24
N ALA B 171 1.95 -14.06 33.16
CA ALA B 171 2.31 -14.23 34.58
C ALA B 171 0.99 -14.27 35.34
N ILE B 172 0.87 -15.23 36.26
CA ILE B 172 -0.37 -15.40 37.04
C ILE B 172 -0.12 -15.24 38.54
N PRO B 173 -0.48 -14.07 39.09
CA PRO B 173 -0.31 -13.76 40.52
C PRO B 173 -1.25 -14.64 41.36
N ASN B 174 -0.74 -15.19 42.46
CA ASN B 174 -1.57 -16.04 43.31
C ASN B 174 -2.56 -15.25 44.16
N ILE B 175 -3.36 -14.41 43.51
CA ILE B 175 -4.39 -13.67 44.22
C ILE B 175 -5.61 -13.81 43.37
N SER B 176 -6.72 -13.33 43.90
CA SER B 176 -7.97 -13.39 43.20
C SER B 176 -8.58 -12.01 43.23
N ILE B 177 -9.06 -11.54 42.09
CA ILE B 177 -9.73 -10.24 42.05
C ILE B 177 -11.19 -10.54 41.72
N ASN B 178 -12.10 -9.89 42.43
CA ASN B 178 -13.52 -10.09 42.19
C ASN B 178 -13.96 -9.48 40.86
N THR B 179 -13.82 -10.24 39.77
CA THR B 179 -14.22 -9.79 38.43
C THR B 179 -15.33 -8.74 38.42
N LYS B 180 -16.38 -9.01 39.20
CA LYS B 180 -17.54 -8.11 39.26
C LYS B 180 -17.28 -6.77 39.96
N GLU B 181 -16.53 -6.79 41.05
CA GLU B 181 -16.20 -5.55 41.76
C GLU B 181 -15.21 -4.80 40.87
N ALA B 182 -14.44 -5.58 40.11
CA ALA B 182 -13.44 -5.08 39.16
C ALA B 182 -14.18 -4.38 38.03
N ARG B 183 -15.49 -4.22 38.23
CA ARG B 183 -16.37 -3.56 37.28
C ARG B 183 -16.95 -2.30 37.90
N GLU B 184 -17.60 -2.44 39.05
CA GLU B 184 -18.23 -1.30 39.72
C GLU B 184 -17.31 -0.15 40.10
N ILE B 185 -16.02 -0.42 40.20
CA ILE B 185 -15.08 0.62 40.57
C ILE B 185 -14.52 1.29 39.31
N LEU B 186 -15.04 0.88 38.16
CA LEU B 186 -14.66 1.42 36.86
C LEU B 186 -15.41 2.74 36.72
N PRO B 187 -14.86 3.69 35.96
CA PRO B 187 -15.60 4.94 35.81
C PRO B 187 -16.91 4.67 35.08
N LYS B 188 -17.90 5.53 35.26
CA LYS B 188 -19.17 5.34 34.57
C LYS B 188 -19.23 6.24 33.34
N ALA B 189 -18.31 7.20 33.30
CA ALA B 189 -18.21 8.14 32.19
C ALA B 189 -16.76 8.60 32.09
N VAL B 190 -16.32 9.02 30.90
CA VAL B 190 -14.94 9.48 30.73
C VAL B 190 -14.87 10.79 29.96
N GLY B 191 -13.74 11.47 30.06
CA GLY B 191 -13.59 12.72 29.36
C GLY B 191 -13.45 12.53 27.85
N LEU B 192 -13.79 13.56 27.08
CA LEU B 192 -13.66 13.50 25.62
C LEU B 192 -12.21 13.15 25.27
N LYS B 193 -11.25 13.75 25.97
CA LYS B 193 -9.85 13.46 25.68
C LYS B 193 -9.49 11.97 25.75
N ASP B 194 -10.17 11.23 26.61
CA ASP B 194 -9.89 9.80 26.70
C ASP B 194 -10.59 9.00 25.59
N LEU B 195 -11.73 9.49 25.11
CA LEU B 195 -12.43 8.82 24.01
C LEU B 195 -11.48 8.98 22.83
N VAL B 196 -10.96 10.18 22.68
CA VAL B 196 -10.04 10.47 21.60
C VAL B 196 -8.75 9.63 21.68
N ASN B 197 -8.10 9.62 22.84
CA ASN B 197 -6.87 8.85 23.01
C ASN B 197 -7.11 7.36 22.73
N ASN B 198 -8.14 6.80 23.35
CA ASN B 198 -8.40 5.38 23.15
C ASN B 198 -8.80 4.99 21.73
N VAL B 199 -9.59 5.79 21.04
CA VAL B 199 -9.96 5.45 19.66
C VAL B 199 -8.70 5.46 18.80
N GLY B 200 -7.89 6.51 18.94
CA GLY B 200 -6.68 6.63 18.14
C GLY B 200 -5.69 5.51 18.36
N LYS B 201 -5.44 5.21 19.64
CA LYS B 201 -4.46 4.18 19.97
C LYS B 201 -4.99 2.81 19.58
N ALA B 202 -6.28 2.56 19.77
CA ALA B 202 -6.80 1.21 19.38
C ALA B 202 -6.73 1.03 17.81
N CYS B 203 -7.07 2.09 17.09
CA CYS B 203 -7.02 2.07 15.61
C CYS B 203 -5.56 1.88 15.18
N GLY B 204 -4.64 2.55 15.88
CA GLY B 204 -3.23 2.39 15.60
C GLY B 204 -2.77 0.94 15.80
N MET B 205 -3.39 0.20 16.74
CA MET B 205 -3.01 -1.20 16.94
C MET B 205 -3.45 -2.08 15.74
N VAL B 206 -4.60 -1.77 15.17
CA VAL B 206 -5.07 -2.54 14.02
C VAL B 206 -4.09 -2.22 12.87
N TYR B 207 -3.77 -0.94 12.67
CA TYR B 207 -2.78 -0.56 11.66
C TYR B 207 -1.45 -1.33 11.94
N ALA B 208 -1.03 -1.38 13.21
CA ALA B 208 0.23 -2.04 13.54
C ALA B 208 0.17 -3.55 13.14
N LEU B 209 -0.96 -4.19 13.39
CA LEU B 209 -1.06 -5.59 13.04
C LEU B 209 -0.91 -5.77 11.51
N TYR B 210 -1.63 -4.97 10.72
CA TYR B 210 -1.52 -5.08 9.27
C TYR B 210 -0.13 -4.75 8.73
N ASN B 211 0.63 -3.99 9.49
CA ASN B 211 1.98 -3.61 9.11
C ASN B 211 3.01 -4.44 9.83
N LYS B 212 2.54 -5.47 10.53
CA LYS B 212 3.38 -6.39 11.32
C LYS B 212 4.40 -5.62 12.14
N ASP B 213 3.93 -4.56 12.81
CA ASP B 213 4.78 -3.70 13.63
C ASP B 213 4.51 -3.97 15.13
N LYS B 214 5.26 -4.90 15.73
CA LYS B 214 5.08 -5.27 17.16
C LYS B 214 5.34 -4.12 18.11
N SER B 215 6.33 -3.32 17.79
CA SER B 215 6.67 -2.21 18.65
C SER B 215 5.55 -1.14 18.69
N LEU B 216 4.91 -0.87 17.54
CA LEU B 216 3.85 0.12 17.55
C LEU B 216 2.63 -0.50 18.25
N PHE B 217 2.41 -1.78 18.01
CA PHE B 217 1.27 -2.49 18.61
C PHE B 217 1.39 -2.47 20.13
N GLY B 218 2.58 -2.85 20.62
CA GLY B 218 2.78 -2.88 22.06
C GLY B 218 2.79 -1.54 22.75
N ARG B 219 3.34 -0.52 22.08
CA ARG B 219 3.40 0.80 22.68
C ARG B 219 2.00 1.39 22.82
N TYR B 220 1.19 1.30 21.77
CA TYR B 220 -0.15 1.86 21.88
C TYR B 220 -1.05 1.09 22.88
N MET B 221 -0.81 -0.23 22.98
CA MET B 221 -1.55 -1.11 23.90
C MET B 221 -1.46 -0.61 25.37
N MET B 222 -0.30 -0.04 25.72
CA MET B 222 -0.06 0.44 27.06
C MET B 222 -0.50 1.90 27.33
N SER B 223 -1.24 2.48 26.40
N SER B 223 -1.26 2.47 26.41
CA SER B 223 -1.66 3.87 26.54
CA SER B 223 -1.67 3.87 26.53
C SER B 223 -3.02 4.15 27.19
C SER B 223 -3.03 4.15 27.18
N ASP B 224 -3.71 3.14 27.70
CA ASP B 224 -5.01 3.39 28.32
C ASP B 224 -4.94 4.13 29.67
N LYS B 225 -5.73 5.20 29.80
CA LYS B 225 -5.74 5.97 31.06
C LYS B 225 -7.09 5.87 31.72
N VAL B 226 -8.02 5.11 31.13
CA VAL B 226 -9.35 4.96 31.69
C VAL B 226 -9.50 3.76 32.64
N ILE B 227 -9.21 2.56 32.13
CA ILE B 227 -9.36 1.35 32.94
C ILE B 227 -8.10 0.86 33.64
N GLU B 228 -7.01 0.72 32.91
CA GLU B 228 -5.77 0.21 33.48
C GLU B 228 -5.19 0.90 34.73
N PRO B 229 -5.24 2.23 34.80
CA PRO B 229 -4.68 2.84 36.01
C PRO B 229 -5.43 2.47 37.30
N VAL B 230 -6.71 2.16 37.16
CA VAL B 230 -7.56 1.78 38.27
C VAL B 230 -7.35 0.28 38.58
N ARG B 231 -7.61 -0.57 37.59
CA ARG B 231 -7.45 -2.02 37.77
C ARG B 231 -6.07 -2.44 38.16
N GLY B 232 -5.04 -1.78 37.63
CA GLY B 232 -3.68 -2.16 37.93
C GLY B 232 -3.25 -1.95 39.38
N LYS B 233 -4.02 -1.15 40.12
CA LYS B 233 -3.68 -0.86 41.52
C LYS B 233 -3.85 -2.11 42.37
N LEU B 234 -4.80 -2.94 41.98
CA LEU B 234 -5.12 -4.20 42.67
C LEU B 234 -4.13 -5.35 42.41
N ILE B 235 -3.27 -5.19 41.41
CA ILE B 235 -2.31 -6.25 41.06
C ILE B 235 -0.99 -5.88 41.67
N PRO B 236 -0.58 -6.62 42.71
CA PRO B 236 0.69 -6.31 43.38
C PRO B 236 1.91 -6.18 42.45
N ASN B 237 2.62 -5.08 42.61
CA ASN B 237 3.83 -4.83 41.85
C ASN B 237 3.64 -4.63 40.34
N TYR B 238 2.41 -4.68 39.85
CA TYR B 238 2.20 -4.55 38.40
C TYR B 238 2.89 -3.32 37.80
N PHE B 239 2.65 -2.14 38.37
CA PHE B 239 3.26 -0.92 37.87
C PHE B 239 4.78 -0.96 37.96
N LYS B 240 5.30 -1.54 39.03
CA LYS B 240 6.76 -1.61 39.17
C LYS B 240 7.37 -2.52 38.12
N ILE B 241 6.69 -3.62 37.81
CA ILE B 241 7.19 -4.55 36.80
C ILE B 241 7.15 -3.92 35.41
N LYS B 242 6.05 -3.24 35.10
CA LYS B 242 5.87 -2.58 33.81
C LYS B 242 7.06 -1.64 33.57
N GLU B 243 7.43 -0.87 34.58
CA GLU B 243 8.56 0.03 34.42
C GLU B 243 9.88 -0.72 34.27
N GLU B 244 10.07 -1.76 35.08
CA GLU B 244 11.29 -2.56 35.04
C GLU B 244 11.59 -3.33 33.75
N VAL B 245 10.57 -3.81 33.04
CA VAL B 245 10.79 -4.54 31.78
C VAL B 245 10.59 -3.58 30.59
N LYS B 246 10.37 -2.31 30.89
CA LYS B 246 10.11 -1.27 29.90
C LYS B 246 10.90 -1.34 28.58
N ASP B 247 12.20 -1.49 28.63
CA ASP B 247 12.94 -1.54 27.37
C ASP B 247 13.17 -2.93 26.83
N LYS B 248 12.58 -3.92 27.49
CA LYS B 248 12.79 -5.30 27.07
C LYS B 248 11.57 -5.99 26.50
N VAL B 249 10.47 -5.25 26.43
CA VAL B 249 9.23 -5.78 25.89
C VAL B 249 8.66 -4.80 24.87
N TYR B 250 7.90 -5.32 23.91
CA TYR B 250 7.24 -4.44 22.98
C TYR B 250 6.10 -3.82 23.78
N GLY B 251 5.55 -4.58 24.71
CA GLY B 251 4.47 -4.05 25.54
C GLY B 251 4.05 -5.04 26.62
N ILE B 252 3.39 -4.53 27.65
CA ILE B 252 2.90 -5.41 28.72
C ILE B 252 1.64 -4.75 29.26
N THR B 253 0.63 -5.57 29.53
CA THR B 253 -0.61 -5.03 30.07
C THR B 253 -1.35 -6.12 30.83
N ILE B 254 -2.51 -5.74 31.38
CA ILE B 254 -3.33 -6.67 32.16
C ILE B 254 -4.06 -7.54 31.19
N SER B 255 -4.22 -8.82 31.54
CA SER B 255 -4.97 -9.73 30.70
C SER B 255 -6.41 -9.77 31.22
N GLY B 256 -7.39 -9.41 30.39
CA GLY B 256 -8.76 -9.41 30.83
C GLY B 256 -8.91 -8.51 32.02
N SER B 257 -9.71 -8.93 32.99
CA SER B 257 -9.89 -8.12 34.17
C SER B 257 -8.84 -8.40 35.22
N GLY B 258 -7.84 -9.21 34.87
CA GLY B 258 -6.79 -9.51 35.83
C GLY B 258 -7.08 -10.71 36.74
N PRO B 259 -6.17 -11.08 37.63
CA PRO B 259 -4.87 -10.44 37.87
C PRO B 259 -3.78 -10.89 36.87
N SER B 260 -4.09 -11.82 35.97
CA SER B 260 -3.05 -12.24 35.01
C SER B 260 -2.49 -11.06 34.20
N ILE B 261 -1.22 -11.16 33.83
CA ILE B 261 -0.52 -10.13 33.09
C ILE B 261 0.02 -10.74 31.79
N ILE B 262 -0.09 -10.00 30.67
CA ILE B 262 0.43 -10.48 29.39
C ILE B 262 1.51 -9.52 28.88
N ALA B 263 2.65 -10.08 28.44
CA ALA B 263 3.78 -9.31 27.94
C ALA B 263 4.22 -9.87 26.61
N PHE B 264 4.77 -9.00 25.78
CA PHE B 264 5.25 -9.34 24.43
C PHE B 264 6.75 -9.00 24.49
N PRO B 265 7.56 -9.94 24.98
CA PRO B 265 8.99 -9.70 25.11
C PRO B 265 9.70 -9.60 23.76
N LYS B 266 10.73 -8.77 23.70
CA LYS B 266 11.56 -8.65 22.50
C LYS B 266 12.42 -9.93 22.47
N GLU B 267 12.65 -10.43 21.28
CA GLU B 267 13.42 -11.64 21.07
C GLU B 267 14.72 -11.69 21.90
N GLU B 268 15.42 -10.57 21.95
CA GLU B 268 16.67 -10.50 22.69
C GLU B 268 16.55 -10.61 24.21
N PHE B 269 15.36 -10.46 24.76
CA PHE B 269 15.22 -10.49 26.22
C PHE B 269 14.17 -11.43 26.76
N ILE B 270 13.71 -12.37 25.95
CA ILE B 270 12.67 -13.27 26.39
C ILE B 270 12.98 -14.04 27.70
N ASP B 271 14.19 -14.57 27.82
CA ASP B 271 14.53 -15.31 29.04
C ASP B 271 14.61 -14.37 30.23
N GLU B 272 15.27 -13.23 30.04
CA GLU B 272 15.41 -12.27 31.13
C GLU B 272 14.10 -11.72 31.62
N VAL B 273 13.15 -11.50 30.71
CA VAL B 273 11.85 -11.00 31.09
C VAL B 273 11.05 -12.13 31.76
N GLU B 274 11.16 -13.34 31.24
CA GLU B 274 10.44 -14.44 31.86
C GLU B 274 10.98 -14.62 33.31
N ASN B 275 12.29 -14.44 33.51
CA ASN B 275 12.84 -14.57 34.85
C ASN B 275 12.36 -13.46 35.78
N ILE B 276 12.30 -12.22 35.29
CA ILE B 276 11.82 -11.13 36.12
C ILE B 276 10.37 -11.42 36.51
N LEU B 277 9.58 -11.91 35.57
CA LEU B 277 8.20 -12.22 35.86
C LEU B 277 8.09 -13.36 36.89
N ARG B 278 8.99 -14.34 36.83
CA ARG B 278 8.93 -15.43 37.80
C ARG B 278 9.35 -15.00 39.19
N ASP B 279 10.23 -14.02 39.27
CA ASP B 279 10.69 -13.55 40.56
C ASP B 279 9.65 -12.73 41.30
N TYR B 280 8.67 -12.21 40.59
CA TYR B 280 7.65 -11.41 41.27
C TYR B 280 6.40 -12.25 41.49
N TYR B 281 6.10 -13.10 40.54
CA TYR B 281 4.93 -13.96 40.62
C TYR B 281 5.60 -15.31 40.51
N GLU B 282 4.88 -16.39 40.66
CA GLU B 282 5.61 -17.65 40.60
C GLU B 282 5.31 -18.42 39.36
N ASN B 283 4.09 -18.23 38.89
CA ASN B 283 3.59 -18.91 37.73
C ASN B 283 3.70 -18.05 36.47
N THR B 284 4.47 -18.54 35.51
CA THR B 284 4.60 -17.84 34.24
C THR B 284 4.51 -18.88 33.15
N ILE B 285 4.08 -18.44 31.99
CA ILE B 285 3.92 -19.31 30.86
C ILE B 285 4.51 -18.59 29.66
N ARG B 286 5.31 -19.30 28.88
CA ARG B 286 5.90 -18.73 27.68
C ARG B 286 5.09 -19.36 26.57
N THR B 287 4.49 -18.55 25.72
CA THR B 287 3.68 -19.09 24.64
C THR B 287 3.77 -18.17 23.41
N GLU B 288 2.79 -18.23 22.53
CA GLU B 288 2.78 -17.39 21.33
C GLU B 288 1.32 -17.30 20.95
N VAL B 289 1.00 -16.66 19.83
CA VAL B 289 -0.40 -16.52 19.42
C VAL B 289 -0.92 -17.86 18.91
N GLY B 290 -2.11 -18.23 19.36
CA GLY B 290 -2.68 -19.51 18.96
C GLY B 290 -3.62 -19.44 17.79
N LYS B 291 -4.00 -20.60 17.27
CA LYS B 291 -4.89 -20.61 16.14
C LYS B 291 -6.30 -21.06 16.47
N GLY B 292 -6.58 -21.15 17.75
CA GLY B 292 -7.92 -21.50 18.17
C GLY B 292 -8.18 -22.99 18.33
N VAL B 293 -9.37 -23.30 18.82
CA VAL B 293 -9.81 -24.68 19.04
C VAL B 293 -9.55 -25.52 17.82
N GLU B 294 -8.99 -26.71 18.05
CA GLU B 294 -8.68 -27.65 16.97
C GLU B 294 -8.59 -29.10 17.48
N VAL B 295 -8.93 -30.06 16.62
CA VAL B 295 -8.89 -31.48 16.96
C VAL B 295 -7.54 -31.85 17.53
N VAL B 296 -7.55 -32.41 18.73
CA VAL B 296 -6.30 -32.80 19.40
C VAL B 296 -5.45 -33.70 18.50
N MET C 1 22.15 12.65 22.75
CA MET C 1 22.72 11.46 23.47
C MET C 1 23.15 10.34 22.50
N LYS C 2 22.35 9.28 22.38
CA LYS C 2 22.72 8.20 21.46
C LYS C 2 21.54 7.40 20.87
N VAL C 3 21.74 6.84 19.68
CA VAL C 3 20.70 6.05 19.00
C VAL C 3 21.27 4.73 18.49
N ARG C 4 20.49 3.66 18.60
CA ARG C 4 20.92 2.33 18.18
C ARG C 4 19.96 1.94 17.04
N VAL C 5 20.52 1.43 15.95
CA VAL C 5 19.75 1.14 14.76
C VAL C 5 20.12 -0.25 14.14
N LYS C 6 19.13 -0.96 13.57
CA LYS C 6 19.39 -2.23 12.87
C LYS C 6 19.21 -1.83 11.39
N ALA C 7 20.27 -2.03 10.62
CA ALA C 7 20.34 -1.64 9.20
C ALA C 7 20.47 -2.95 8.40
N PRO C 8 19.46 -3.26 7.59
CA PRO C 8 19.47 -4.51 6.83
C PRO C 8 20.27 -4.68 5.55
N CYS C 9 20.67 -5.92 5.33
CA CYS C 9 21.29 -6.30 4.09
C CYS C 9 20.18 -6.18 3.03
N THR C 10 20.59 -6.04 1.75
CA THR C 10 19.65 -5.86 0.65
C THR C 10 20.15 -6.62 -0.60
N SER C 11 19.23 -6.99 -1.49
N SER C 11 19.21 -6.98 -1.50
CA SER C 11 19.57 -7.70 -2.71
CA SER C 11 19.56 -7.68 -2.72
C SER C 11 19.18 -6.79 -3.90
C SER C 11 19.18 -6.84 -3.91
N ALA C 12 20.19 -6.42 -4.68
CA ALA C 12 19.99 -5.55 -5.84
C ALA C 12 20.03 -6.31 -7.12
N ASN C 13 19.51 -5.67 -8.16
CA ASN C 13 19.42 -6.13 -9.55
C ASN C 13 18.25 -7.05 -9.81
N LEU C 14 18.16 -8.15 -9.06
CA LEU C 14 17.09 -9.12 -9.27
C LEU C 14 16.93 -9.43 -10.79
N GLY C 15 18.01 -9.87 -11.43
CA GLY C 15 17.96 -10.26 -12.82
C GLY C 15 17.80 -9.13 -13.83
N VAL C 16 16.60 -8.96 -14.35
CA VAL C 16 16.35 -7.93 -15.36
C VAL C 16 16.22 -6.53 -14.78
N GLY C 17 16.26 -6.40 -13.45
CA GLY C 17 16.18 -5.06 -12.85
C GLY C 17 17.58 -4.44 -12.54
N PHE C 18 18.58 -4.94 -13.27
CA PHE C 18 19.95 -4.52 -13.13
C PHE C 18 20.12 -3.01 -12.97
N ASP C 19 20.76 -2.62 -11.89
CA ASP C 19 21.01 -1.22 -11.58
C ASP C 19 19.76 -0.38 -11.26
N VAL C 20 18.60 -1.04 -11.19
CA VAL C 20 17.35 -0.35 -10.84
C VAL C 20 16.68 -0.94 -9.59
N PHE C 21 16.37 -2.25 -9.62
CA PHE C 21 15.65 -2.90 -8.52
C PHE C 21 16.46 -3.17 -7.26
N GLY C 22 15.75 -3.19 -6.14
CA GLY C 22 16.36 -3.53 -4.89
C GLY C 22 15.28 -4.17 -3.98
N LEU C 23 15.66 -5.13 -3.16
CA LEU C 23 14.72 -5.75 -2.24
C LEU C 23 15.37 -5.77 -0.90
N CYS C 24 14.64 -5.28 0.09
CA CYS C 24 15.15 -5.24 1.45
C CYS C 24 15.02 -6.59 2.17
N LEU C 25 16.09 -7.06 2.81
CA LEU C 25 16.04 -8.31 3.57
C LEU C 25 15.78 -8.00 5.07
N LYS C 26 15.25 -8.98 5.80
CA LYS C 26 15.03 -8.77 7.23
C LYS C 26 16.32 -9.15 7.92
N GLU C 27 17.04 -10.14 7.38
CA GLU C 27 18.33 -10.58 7.93
C GLU C 27 19.22 -10.93 6.76
N PRO C 28 20.54 -10.77 6.88
CA PRO C 28 21.34 -10.28 8.01
C PRO C 28 21.19 -8.76 8.12
N TYR C 29 21.79 -8.20 9.17
CA TYR C 29 21.73 -6.76 9.36
C TYR C 29 22.90 -6.32 10.22
N ASP C 30 23.26 -5.03 10.12
CA ASP C 30 24.33 -4.44 10.95
C ASP C 30 23.60 -3.85 12.13
N VAL C 31 24.27 -3.73 13.28
CA VAL C 31 23.68 -3.06 14.44
C VAL C 31 24.66 -1.89 14.60
N ILE C 32 24.13 -0.68 14.50
CA ILE C 32 24.98 0.49 14.55
C ILE C 32 24.54 1.42 15.65
N GLU C 33 25.49 1.84 16.47
CA GLU C 33 25.16 2.79 17.53
C GLU C 33 25.88 4.08 17.21
N VAL C 34 25.18 5.19 17.35
CA VAL C 34 25.80 6.48 17.09
C VAL C 34 25.56 7.31 18.34
N GLU C 35 26.66 7.81 18.91
CA GLU C 35 26.62 8.63 20.14
C GLU C 35 27.26 9.99 19.85
N ALA C 36 26.58 11.05 20.26
CA ALA C 36 27.10 12.40 20.02
C ALA C 36 28.17 12.70 21.08
N ILE C 37 29.39 13.00 20.64
CA ILE C 37 30.46 13.33 21.57
C ILE C 37 30.79 14.81 21.41
N ASP C 38 31.31 15.41 22.47
CA ASP C 38 31.64 16.84 22.44
C ASP C 38 32.72 17.27 21.47
N ASP C 39 33.78 16.50 21.32
CA ASP C 39 34.81 16.93 20.36
C ASP C 39 34.38 16.70 18.92
N LYS C 40 34.59 17.72 18.08
CA LYS C 40 34.23 17.65 16.68
C LYS C 40 35.13 16.64 15.97
N GLU C 41 34.94 15.37 16.30
CA GLU C 41 35.70 14.28 15.70
C GLU C 41 34.74 13.11 15.40
N ILE C 42 35.13 12.23 14.47
CA ILE C 42 34.30 11.08 14.17
C ILE C 42 35.10 9.83 14.48
N ILE C 43 34.65 9.11 15.50
CA ILE C 43 35.32 7.89 15.94
C ILE C 43 34.52 6.66 15.54
N ILE C 44 35.19 5.68 14.93
CA ILE C 44 34.55 4.43 14.48
C ILE C 44 35.16 3.12 14.97
N GLU C 45 34.31 2.25 15.51
CA GLU C 45 34.71 0.91 15.97
C GLU C 45 33.90 -0.09 15.12
N VAL C 46 34.54 -1.14 14.63
CA VAL C 46 33.86 -2.16 13.82
C VAL C 46 34.33 -3.54 14.26
N ASP C 47 33.42 -4.49 14.41
CA ASP C 47 33.84 -5.80 14.83
C ASP C 47 34.45 -6.65 13.72
N ASP C 48 34.54 -6.11 12.51
CA ASP C 48 35.13 -6.83 11.38
C ASP C 48 36.49 -6.23 11.08
N LYS C 49 37.55 -6.94 11.46
CA LYS C 49 38.92 -6.46 11.27
C LYS C 49 39.28 -6.03 9.83
N ASN C 50 38.65 -6.61 8.81
CA ASN C 50 38.97 -6.21 7.43
C ASN C 50 38.25 -4.92 6.96
N ILE C 51 37.54 -4.28 7.88
CA ILE C 51 36.82 -3.05 7.59
C ILE C 51 37.47 -1.85 8.31
N PRO C 52 37.88 -0.83 7.55
CA PRO C 52 38.53 0.39 8.03
C PRO C 52 37.83 1.07 9.21
N THR C 53 38.64 1.73 10.03
CA THR C 53 38.17 2.47 11.20
C THR C 53 38.39 3.96 10.94
N ASP C 54 39.21 4.26 9.94
CA ASP C 54 39.50 5.63 9.51
C ASP C 54 38.17 6.18 8.98
N PRO C 55 37.65 7.23 9.61
CA PRO C 55 36.38 7.84 9.18
C PRO C 55 36.35 8.30 7.74
N ASP C 56 37.52 8.38 7.10
CA ASP C 56 37.53 8.81 5.71
C ASP C 56 37.56 7.59 4.81
N LYS C 57 37.54 6.41 5.43
CA LYS C 57 37.53 5.20 4.65
C LYS C 57 36.31 4.32 4.97
N ASN C 58 35.79 4.42 6.20
CA ASN C 58 34.62 3.64 6.55
C ASN C 58 33.40 4.42 6.01
N VAL C 59 32.52 3.75 5.26
CA VAL C 59 31.39 4.48 4.73
C VAL C 59 30.56 5.19 5.78
N ALA C 60 30.50 4.65 6.99
CA ALA C 60 29.72 5.29 8.04
C ALA C 60 30.31 6.67 8.36
N GLY C 61 31.63 6.76 8.34
CA GLY C 61 32.27 8.03 8.61
C GLY C 61 32.06 9.01 7.48
N ILE C 62 32.14 8.53 6.24
CA ILE C 62 31.95 9.41 5.08
C ILE C 62 30.53 9.99 5.11
N VAL C 63 29.54 9.14 5.40
CA VAL C 63 28.16 9.66 5.48
C VAL C 63 27.95 10.62 6.68
N ALA C 64 28.46 10.25 7.84
CA ALA C 64 28.27 11.12 9.01
C ALA C 64 28.89 12.52 8.77
N LYS C 65 30.09 12.52 8.23
CA LYS C 65 30.80 13.77 7.97
C LYS C 65 30.02 14.65 6.99
N LYS C 66 29.53 14.07 5.92
CA LYS C 66 28.78 14.86 4.97
C LYS C 66 27.54 15.50 5.64
N MET C 67 26.84 14.76 6.49
CA MET C 67 25.65 15.30 7.13
C MET C 67 26.00 16.30 8.27
N ILE C 68 27.12 16.02 8.95
CA ILE C 68 27.61 16.90 10.01
C ILE C 68 27.88 18.22 9.30
N ASP C 69 28.67 18.17 8.24
CA ASP C 69 28.99 19.39 7.49
C ASP C 69 27.78 20.15 6.95
N ASP C 70 26.89 19.44 6.26
CA ASP C 70 25.71 20.06 5.67
C ASP C 70 24.82 20.76 6.66
N PHE C 71 24.63 20.17 7.84
CA PHE C 71 23.76 20.80 8.81
C PHE C 71 24.53 21.57 9.90
N ASN C 72 25.81 21.81 9.64
CA ASN C 72 26.67 22.53 10.59
C ASN C 72 26.37 22.08 12.00
N ILE C 73 26.40 20.76 12.19
CA ILE C 73 26.12 20.13 13.48
C ILE C 73 27.22 20.42 14.50
N GLY C 74 26.80 20.71 15.73
CA GLY C 74 27.76 21.03 16.78
C GLY C 74 28.70 19.97 17.29
N LYS C 75 28.24 18.73 17.42
CA LYS C 75 29.11 17.69 17.97
C LYS C 75 29.79 16.78 16.98
N GLY C 76 30.50 15.80 17.54
CA GLY C 76 31.17 14.80 16.75
C GLY C 76 30.34 13.55 17.04
N VAL C 77 30.77 12.39 16.56
CA VAL C 77 30.01 11.20 16.89
C VAL C 77 30.95 10.04 17.03
N LYS C 78 30.56 9.08 17.86
CA LYS C 78 31.31 7.86 18.01
C LYS C 78 30.32 6.90 17.39
N ILE C 79 30.75 6.11 16.42
CA ILE C 79 29.88 5.14 15.74
C ILE C 79 30.37 3.75 16.02
N THR C 80 29.50 2.88 16.55
CA THR C 80 29.91 1.51 16.83
C THR C 80 29.15 0.57 15.91
N ILE C 81 29.90 -0.22 15.16
CA ILE C 81 29.29 -1.12 14.18
C ILE C 81 29.49 -2.61 14.44
N LYS C 82 28.40 -3.36 14.47
CA LYS C 82 28.46 -4.81 14.59
C LYS C 82 27.95 -5.30 13.22
N LYS C 83 28.87 -5.77 12.38
CA LYS C 83 28.53 -6.19 11.02
C LYS C 83 27.63 -7.41 10.90
N GLY C 84 26.72 -7.38 9.92
CA GLY C 84 25.82 -8.50 9.69
C GLY C 84 26.46 -9.47 8.72
N VAL C 85 27.11 -8.96 7.69
CA VAL C 85 27.73 -9.85 6.71
C VAL C 85 28.97 -9.19 6.13
N LYS C 86 29.87 -10.00 5.57
CA LYS C 86 31.10 -9.50 4.96
C LYS C 86 30.87 -8.72 3.69
N ALA C 87 31.79 -7.80 3.41
CA ALA C 87 31.71 -7.01 2.20
C ALA C 87 32.01 -7.95 1.02
N GLY C 88 31.68 -7.53 -0.20
CA GLY C 88 31.94 -8.35 -1.37
C GLY C 88 31.07 -9.61 -1.51
N SER C 89 29.98 -9.70 -0.76
CA SER C 89 29.14 -10.89 -0.85
C SER C 89 27.88 -10.65 -1.69
N GLY C 90 27.68 -9.41 -2.12
CA GLY C 90 26.53 -9.10 -2.96
C GLY C 90 25.28 -8.82 -2.14
N LEU C 91 25.45 -8.66 -0.83
CA LEU C 91 24.31 -8.39 0.05
C LEU C 91 24.20 -6.94 0.60
N GLY C 92 24.81 -5.98 -0.08
CA GLY C 92 24.70 -4.60 0.42
C GLY C 92 25.30 -4.38 1.82
N SER C 93 26.46 -4.98 2.09
CA SER C 93 27.06 -4.82 3.42
C SER C 93 27.48 -3.37 3.65
N SER C 94 28.16 -2.77 2.69
CA SER C 94 28.51 -1.36 2.91
C SER C 94 27.23 -0.50 2.89
N ALA C 95 26.21 -0.87 2.11
CA ALA C 95 24.98 -0.06 2.09
C ALA C 95 24.30 -0.13 3.48
N ALA C 96 24.43 -1.25 4.16
CA ALA C 96 23.81 -1.35 5.49
C ALA C 96 24.40 -0.28 6.41
N SER C 97 25.72 -0.18 6.41
CA SER C 97 26.37 0.83 7.25
C SER C 97 26.04 2.23 6.79
N SER C 98 26.05 2.48 5.48
CA SER C 98 25.75 3.80 4.95
C SER C 98 24.34 4.23 5.30
N ALA C 99 23.35 3.35 5.06
CA ALA C 99 21.96 3.72 5.33
C ALA C 99 21.67 3.77 6.82
N GLY C 100 22.26 2.83 7.56
CA GLY C 100 22.03 2.84 9.00
C GLY C 100 22.59 4.12 9.58
N THR C 101 23.74 4.55 9.05
CA THR C 101 24.34 5.77 9.59
C THR C 101 23.52 6.99 9.24
N ALA C 102 23.04 7.06 7.99
CA ALA C 102 22.24 8.20 7.57
C ALA C 102 20.97 8.34 8.40
N TYR C 103 20.32 7.22 8.65
CA TYR C 103 19.09 7.18 9.42
C TYR C 103 19.40 7.53 10.90
N ALA C 104 20.51 7.00 11.40
CA ALA C 104 20.87 7.26 12.81
C ALA C 104 21.19 8.75 13.04
N ILE C 105 21.97 9.35 12.15
CA ILE C 105 22.28 10.76 12.31
C ILE C 105 20.98 11.60 12.31
N ASN C 106 20.09 11.31 11.35
CA ASN C 106 18.80 12.00 11.25
C ASN C 106 17.96 11.92 12.54
N GLU C 107 17.95 10.75 13.17
CA GLU C 107 17.22 10.55 14.41
C GLU C 107 17.95 11.28 15.56
N LEU C 108 19.24 11.01 15.70
CA LEU C 108 20.08 11.57 16.77
C LEU C 108 19.95 13.08 16.85
N PHE C 109 20.24 13.75 15.73
CA PHE C 109 20.16 15.19 15.64
C PHE C 109 18.85 15.79 15.18
N LYS C 110 17.76 15.03 15.25
CA LYS C 110 16.42 15.54 14.87
C LYS C 110 16.34 16.30 13.57
N LEU C 111 16.87 15.76 12.48
CA LEU C 111 16.84 16.51 11.24
C LEU C 111 15.52 16.40 10.48
N ASN C 112 14.63 15.51 10.91
CA ASN C 112 13.34 15.36 10.20
C ASN C 112 13.42 15.23 8.65
N LEU C 113 14.48 14.62 8.13
CA LEU C 113 14.65 14.48 6.68
C LEU C 113 13.74 13.35 6.10
N ASP C 114 13.29 13.50 4.85
CA ASP C 114 12.48 12.43 4.27
C ASP C 114 13.38 11.27 3.83
N LYS C 115 12.78 10.11 3.56
CA LYS C 115 13.53 8.93 3.22
C LYS C 115 14.37 9.09 2.00
N LEU C 116 13.88 9.83 1.01
CA LEU C 116 14.66 10.02 -0.22
C LEU C 116 16.01 10.74 0.09
N LYS C 117 15.95 11.75 0.93
CA LYS C 117 17.20 12.48 1.30
C LYS C 117 18.15 11.57 2.06
N LEU C 118 17.63 10.64 2.88
CA LEU C 118 18.50 9.72 3.61
C LEU C 118 19.21 8.79 2.62
N VAL C 119 18.48 8.35 1.58
CA VAL C 119 19.06 7.50 0.55
C VAL C 119 20.14 8.32 -0.16
N ASP C 120 19.82 9.56 -0.47
CA ASP C 120 20.81 10.44 -1.15
C ASP C 120 22.06 10.53 -0.28
N TYR C 121 21.91 10.83 1.00
CA TYR C 121 23.11 10.85 1.88
C TYR C 121 23.83 9.52 1.94
N ALA C 122 23.09 8.43 2.18
CA ALA C 122 23.73 7.13 2.23
C ALA C 122 24.48 6.82 0.96
N SER C 123 23.97 7.25 -0.18
CA SER C 123 24.66 6.93 -1.42
C SER C 123 26.08 7.52 -1.49
N TYR C 124 26.38 8.54 -0.71
CA TYR C 124 27.78 9.03 -0.75
C TYR C 124 28.68 7.94 -0.19
N GLY C 125 28.15 7.11 0.72
CA GLY C 125 28.97 6.04 1.25
C GLY C 125 29.32 5.07 0.14
N GLU C 126 28.35 4.81 -0.72
CA GLU C 126 28.55 3.88 -1.82
C GLU C 126 29.51 4.45 -2.86
N LEU C 127 29.49 5.76 -3.05
CA LEU C 127 30.41 6.41 -3.99
C LEU C 127 31.85 6.12 -3.51
N ALA C 128 32.06 6.25 -2.20
CA ALA C 128 33.39 6.02 -1.66
C ALA C 128 33.75 4.53 -1.73
N SER C 129 32.88 3.67 -1.21
CA SER C 129 33.17 2.24 -1.20
C SER C 129 33.27 1.57 -2.58
N SER C 130 32.48 2.00 -3.55
CA SER C 130 32.51 1.35 -4.87
C SER C 130 32.88 2.19 -6.10
N GLY C 131 33.13 3.48 -5.93
CA GLY C 131 33.47 4.30 -7.08
C GLY C 131 32.31 4.92 -7.84
N ALA C 132 31.06 4.60 -7.45
CA ALA C 132 29.89 5.16 -8.09
C ALA C 132 28.81 5.44 -7.05
N LYS C 133 28.15 6.58 -7.16
CA LYS C 133 27.14 6.98 -6.21
C LYS C 133 25.82 6.20 -6.51
N HIS C 134 25.89 4.87 -6.48
CA HIS C 134 24.71 4.06 -6.77
C HIS C 134 23.76 3.99 -5.54
N ALA C 135 22.45 4.00 -5.79
CA ALA C 135 21.53 3.99 -4.67
C ALA C 135 20.66 2.72 -4.63
N ASP C 136 20.91 1.76 -5.53
CA ASP C 136 20.04 0.58 -5.57
C ASP C 136 20.10 -0.35 -4.35
N ASN C 137 21.12 -0.22 -3.50
CA ASN C 137 21.14 -0.98 -2.25
C ASN C 137 20.75 -0.08 -1.11
N VAL C 138 21.18 1.19 -1.10
CA VAL C 138 20.76 2.01 0.02
C VAL C 138 19.29 2.36 -0.01
N ALA C 139 18.68 2.39 -1.21
CA ALA C 139 17.25 2.70 -1.32
C ALA C 139 16.38 1.64 -0.58
N PRO C 140 16.59 0.33 -0.86
CA PRO C 140 15.76 -0.64 -0.13
C PRO C 140 16.13 -0.70 1.38
N ALA C 141 17.40 -0.46 1.72
CA ALA C 141 17.81 -0.47 3.12
C ALA C 141 17.00 0.59 3.90
N ILE C 142 16.75 1.74 3.27
CA ILE C 142 16.02 2.82 3.95
C ILE C 142 14.50 2.60 3.85
N PHE C 143 14.01 2.37 2.64
CA PHE C 143 12.57 2.25 2.45
C PHE C 143 11.90 0.93 2.89
N GLY C 144 12.67 -0.15 2.85
CA GLY C 144 12.14 -1.48 3.15
C GLY C 144 11.41 -1.96 1.90
N GLY C 145 10.92 -3.20 1.91
CA GLY C 145 10.20 -3.65 0.74
C GLY C 145 11.00 -3.67 -0.57
N PHE C 146 10.34 -3.35 -1.68
CA PHE C 146 10.94 -3.33 -3.04
C PHE C 146 11.07 -1.84 -3.49
N THR C 147 12.22 -1.53 -4.07
CA THR C 147 12.44 -0.19 -4.56
C THR C 147 12.96 -0.23 -5.99
N MET C 148 12.77 0.86 -6.71
CA MET C 148 13.30 1.00 -8.05
C MET C 148 14.00 2.40 -8.07
N VAL C 149 15.31 2.44 -8.35
CA VAL C 149 15.99 3.74 -8.51
C VAL C 149 15.79 4.06 -10.01
N THR C 150 14.93 5.03 -10.28
CA THR C 150 14.56 5.36 -11.65
C THR C 150 15.20 6.59 -12.25
N ASN C 151 16.05 7.26 -11.47
CA ASN C 151 16.69 8.48 -12.00
C ASN C 151 17.79 8.85 -11.02
N TYR C 152 18.86 9.43 -11.57
CA TYR C 152 19.96 9.96 -10.78
C TYR C 152 20.09 11.48 -11.06
N GLU C 153 19.25 12.03 -11.92
CA GLU C 153 19.31 13.47 -12.20
C GLU C 153 17.93 14.16 -12.19
N PRO C 154 17.40 14.45 -10.99
CA PRO C 154 18.02 14.18 -9.68
C PRO C 154 17.69 12.71 -9.22
N LEU C 155 18.22 12.29 -8.07
CA LEU C 155 17.95 10.94 -7.56
C LEU C 155 16.45 10.76 -7.33
N GLU C 156 15.87 9.70 -7.91
CA GLU C 156 14.43 9.42 -7.67
C GLU C 156 14.31 7.92 -7.28
N VAL C 157 13.48 7.61 -6.27
CA VAL C 157 13.30 6.24 -5.78
C VAL C 157 11.78 5.99 -5.70
N LEU C 158 11.33 4.88 -6.28
CA LEU C 158 9.92 4.55 -6.26
C LEU C 158 9.84 3.31 -5.39
N HIS C 159 8.97 3.38 -4.38
CA HIS C 159 8.86 2.30 -3.40
C HIS C 159 7.57 1.48 -3.56
N ILE C 160 7.69 0.17 -3.47
CA ILE C 160 6.49 -0.69 -3.54
C ILE C 160 6.56 -1.59 -2.31
N PRO C 161 5.71 -1.28 -1.31
CA PRO C 161 5.71 -2.12 -0.10
C PRO C 161 5.26 -3.51 -0.44
N ILE C 162 5.81 -4.52 0.24
CA ILE C 162 5.45 -5.92 0.01
C ILE C 162 4.65 -6.31 1.27
N ASP C 163 3.33 -6.37 1.14
CA ASP C 163 2.52 -6.69 2.30
C ASP C 163 2.02 -8.12 2.30
N PHE C 164 2.55 -8.93 1.38
CA PHE C 164 2.21 -10.34 1.31
C PHE C 164 3.46 -11.12 1.71
N LYS C 165 3.27 -12.41 1.97
CA LYS C 165 4.39 -13.26 2.43
C LYS C 165 5.39 -13.56 1.33
N LEU C 166 6.65 -13.25 1.57
CA LEU C 166 7.66 -13.59 0.57
C LEU C 166 8.88 -14.18 1.26
N ASP C 167 8.95 -15.51 1.32
CA ASP C 167 10.12 -16.20 1.93
C ASP C 167 11.33 -16.09 1.01
N ILE C 168 12.48 -15.89 1.63
CA ILE C 168 13.73 -15.74 0.96
C ILE C 168 14.80 -16.66 1.53
N LEU C 169 15.59 -17.26 0.65
CA LEU C 169 16.70 -18.13 1.03
C LEU C 169 17.89 -17.47 0.35
N ILE C 170 18.93 -17.24 1.13
CA ILE C 170 20.18 -16.63 0.69
C ILE C 170 21.33 -17.64 0.90
N ALA C 171 22.13 -17.92 -0.12
CA ALA C 171 23.31 -18.82 0.05
C ALA C 171 24.49 -17.88 -0.07
N ILE C 172 25.41 -17.91 0.89
CA ILE C 172 26.55 -17.01 0.85
C ILE C 172 27.88 -17.76 0.60
N PRO C 173 28.38 -17.78 -0.65
CA PRO C 173 29.64 -18.47 -0.96
C PRO C 173 30.78 -17.90 -0.14
N ASN C 174 31.79 -18.74 0.10
CA ASN C 174 32.93 -18.30 0.88
C ASN C 174 33.96 -17.50 0.08
N ILE C 175 33.57 -16.99 -1.07
CA ILE C 175 34.46 -16.18 -1.88
C ILE C 175 33.86 -14.79 -2.00
N SER C 176 34.60 -13.87 -2.62
CA SER C 176 34.08 -12.53 -2.77
C SER C 176 34.38 -11.98 -4.16
N ILE C 177 33.54 -11.03 -4.55
CA ILE C 177 33.63 -10.38 -5.84
C ILE C 177 33.67 -8.89 -5.56
N ASN C 178 34.77 -8.27 -5.96
CA ASN C 178 34.98 -6.85 -5.78
C ASN C 178 33.98 -6.17 -6.70
N THR C 179 33.07 -5.40 -6.12
CA THR C 179 32.01 -4.76 -6.91
C THR C 179 32.53 -3.69 -7.85
N LYS C 180 33.64 -3.05 -7.51
CA LYS C 180 34.17 -2.05 -8.42
C LYS C 180 34.65 -2.72 -9.72
N GLU C 181 35.18 -3.92 -9.61
CA GLU C 181 35.66 -4.63 -10.79
C GLU C 181 34.62 -5.56 -11.43
N ALA C 182 33.52 -5.80 -10.75
CA ALA C 182 32.48 -6.68 -11.28
C ALA C 182 31.81 -6.02 -12.49
N ARG C 183 32.07 -4.73 -12.64
CA ARG C 183 31.52 -3.93 -13.73
C ARG C 183 32.40 -3.98 -14.99
N GLU C 184 33.72 -3.95 -14.81
CA GLU C 184 34.62 -3.99 -15.95
C GLU C 184 34.28 -5.15 -16.92
N ILE C 185 34.06 -6.36 -16.39
CA ILE C 185 33.76 -7.54 -17.21
C ILE C 185 32.36 -7.44 -17.86
N LEU C 186 31.64 -6.37 -17.55
CA LEU C 186 30.29 -6.17 -18.06
C LEU C 186 30.31 -5.59 -19.46
N PRO C 187 29.40 -6.06 -20.32
CA PRO C 187 29.29 -5.60 -21.70
C PRO C 187 29.28 -4.09 -21.74
N LYS C 188 29.61 -3.52 -22.89
CA LYS C 188 29.61 -2.08 -23.02
C LYS C 188 28.32 -1.73 -23.72
N ALA C 189 27.91 -2.63 -24.60
CA ALA C 189 26.72 -2.45 -25.39
C ALA C 189 25.84 -3.69 -25.34
N VAL C 190 24.57 -3.47 -25.64
CA VAL C 190 23.55 -4.50 -25.59
C VAL C 190 22.82 -4.49 -26.92
N GLY C 191 22.27 -5.62 -27.32
CA GLY C 191 21.54 -5.66 -28.58
C GLY C 191 20.12 -5.15 -28.34
N LEU C 192 19.52 -4.55 -29.37
CA LEU C 192 18.16 -4.01 -29.26
C LEU C 192 17.20 -5.06 -28.70
N LYS C 193 17.35 -6.30 -29.16
CA LYS C 193 16.48 -7.38 -28.70
C LYS C 193 16.57 -7.59 -27.18
N ASP C 194 17.74 -7.35 -26.60
CA ASP C 194 17.88 -7.50 -25.17
C ASP C 194 17.26 -6.30 -24.46
N LEU C 195 17.40 -5.10 -25.02
CA LEU C 195 16.76 -3.91 -24.44
C LEU C 195 15.24 -4.20 -24.34
N VAL C 196 14.67 -4.68 -25.43
CA VAL C 196 13.24 -4.98 -25.47
C VAL C 196 12.85 -6.07 -24.45
N ASN C 197 13.63 -7.13 -24.37
CA ASN C 197 13.31 -8.19 -23.44
C ASN C 197 13.38 -7.71 -21.98
N ASN C 198 14.50 -7.09 -21.63
CA ASN C 198 14.65 -6.67 -20.24
C ASN C 198 13.65 -5.61 -19.80
N VAL C 199 13.26 -4.71 -20.69
CA VAL C 199 12.30 -3.66 -20.34
C VAL C 199 10.97 -4.37 -20.09
N GLY C 200 10.55 -5.21 -21.03
CA GLY C 200 9.32 -5.97 -20.86
C GLY C 200 9.27 -6.83 -19.60
N LYS C 201 10.31 -7.59 -19.31
CA LYS C 201 10.33 -8.47 -18.13
C LYS C 201 10.41 -7.68 -16.81
N ALA C 202 11.16 -6.59 -16.81
CA ALA C 202 11.28 -5.80 -15.58
C ALA C 202 9.90 -5.17 -15.33
N CYS C 203 9.26 -4.69 -16.39
CA CYS C 203 7.92 -4.09 -16.24
C CYS C 203 6.91 -5.13 -15.77
N GLY C 204 7.05 -6.37 -16.26
CA GLY C 204 6.16 -7.47 -15.82
C GLY C 204 6.38 -7.78 -14.34
N MET C 205 7.61 -7.59 -13.84
CA MET C 205 7.86 -7.85 -12.42
C MET C 205 7.13 -6.80 -11.60
N VAL C 206 7.05 -5.56 -12.10
CA VAL C 206 6.35 -4.52 -11.34
C VAL C 206 4.86 -4.88 -11.29
N TYR C 207 4.34 -5.23 -12.46
CA TYR C 207 2.92 -5.65 -12.57
C TYR C 207 2.71 -6.85 -11.59
N ALA C 208 3.63 -7.81 -11.60
CA ALA C 208 3.51 -8.96 -10.72
C ALA C 208 3.37 -8.58 -9.25
N LEU C 209 4.18 -7.61 -8.77
CA LEU C 209 4.11 -7.21 -7.38
C LEU C 209 2.74 -6.62 -7.07
N TYR C 210 2.21 -5.78 -7.98
CA TYR C 210 0.94 -5.15 -7.71
C TYR C 210 -0.17 -6.21 -7.74
N ASN C 211 0.05 -7.30 -8.43
CA ASN C 211 -0.94 -8.36 -8.50
C ASN C 211 -0.61 -9.50 -7.55
N LYS C 212 0.39 -9.31 -6.69
CA LYS C 212 0.86 -10.31 -5.73
C LYS C 212 1.08 -11.68 -6.39
N ASP C 213 1.65 -11.66 -7.59
CA ASP C 213 1.89 -12.87 -8.34
C ASP C 213 3.37 -13.24 -8.26
N LYS C 214 3.71 -14.13 -7.32
CA LYS C 214 5.08 -14.57 -7.10
C LYS C 214 5.65 -15.41 -8.22
N SER C 215 4.83 -16.23 -8.87
CA SER C 215 5.33 -17.03 -9.99
C SER C 215 5.74 -16.18 -11.17
N LEU C 216 4.90 -15.21 -11.50
CA LEU C 216 5.20 -14.31 -12.62
C LEU C 216 6.48 -13.49 -12.26
N PHE C 217 6.54 -13.00 -11.04
CA PHE C 217 7.69 -12.21 -10.60
C PHE C 217 9.00 -12.98 -10.73
N GLY C 218 9.05 -14.19 -10.18
CA GLY C 218 10.28 -14.98 -10.22
C GLY C 218 10.63 -15.48 -11.60
N ARG C 219 9.60 -15.80 -12.38
CA ARG C 219 9.85 -16.30 -13.73
C ARG C 219 10.50 -15.17 -14.56
N TYR C 220 9.94 -13.97 -14.49
CA TYR C 220 10.53 -12.86 -15.28
C TYR C 220 11.92 -12.44 -14.75
N MET C 221 12.09 -12.55 -13.45
CA MET C 221 13.35 -12.23 -12.81
C MET C 221 14.47 -13.09 -13.37
N MET C 222 14.17 -14.33 -13.76
CA MET C 222 15.20 -15.22 -14.32
C MET C 222 15.44 -15.09 -15.83
N SER C 223 14.84 -14.09 -16.45
CA SER C 223 14.97 -13.92 -17.92
C SER C 223 16.12 -13.06 -18.43
N ASP C 224 17.05 -12.69 -17.58
CA ASP C 224 18.11 -11.84 -18.13
C ASP C 224 19.19 -12.60 -18.87
N LYS C 225 19.51 -12.17 -20.09
CA LYS C 225 20.58 -12.84 -20.85
C LYS C 225 21.75 -11.90 -20.99
N VAL C 226 21.64 -10.71 -20.40
CA VAL C 226 22.71 -9.73 -20.51
C VAL C 226 23.82 -9.78 -19.45
N ILE C 227 23.45 -9.77 -18.19
CA ILE C 227 24.43 -9.74 -17.12
C ILE C 227 24.56 -11.04 -16.33
N GLU C 228 23.43 -11.68 -16.05
CA GLU C 228 23.43 -12.89 -15.23
C GLU C 228 24.20 -14.11 -15.80
N PRO C 229 24.16 -14.36 -17.11
CA PRO C 229 24.89 -15.51 -17.69
C PRO C 229 26.40 -15.34 -17.51
N VAL C 230 26.85 -14.09 -17.53
CA VAL C 230 28.27 -13.77 -17.38
C VAL C 230 28.68 -13.83 -15.90
N ARG C 231 27.97 -13.12 -15.06
CA ARG C 231 28.34 -13.15 -13.64
C ARG C 231 28.08 -14.48 -12.97
N GLY C 232 27.16 -15.27 -13.50
CA GLY C 232 26.86 -16.55 -12.87
C GLY C 232 28.01 -17.56 -12.96
N LYS C 233 28.96 -17.28 -13.86
CA LYS C 233 30.12 -18.17 -14.04
C LYS C 233 31.14 -17.93 -12.96
N LEU C 234 30.96 -16.88 -12.17
CA LEU C 234 31.90 -16.60 -11.10
C LEU C 234 31.48 -17.31 -9.84
N ILE C 235 30.34 -17.99 -9.88
CA ILE C 235 29.81 -18.58 -8.66
C ILE C 235 29.77 -20.10 -8.75
N PRO C 236 30.62 -20.77 -7.97
CA PRO C 236 30.67 -22.24 -7.98
C PRO C 236 29.29 -22.91 -7.88
N ASN C 237 29.00 -23.79 -8.83
CA ASN C 237 27.74 -24.52 -8.87
C ASN C 237 26.44 -23.74 -9.06
N TYR C 238 26.55 -22.45 -9.39
CA TYR C 238 25.34 -21.65 -9.57
C TYR C 238 24.28 -22.26 -10.51
N PHE C 239 24.68 -22.51 -11.76
CA PHE C 239 23.75 -23.09 -12.74
C PHE C 239 23.25 -24.48 -12.34
N LYS C 240 24.12 -25.26 -11.70
CA LYS C 240 23.72 -26.59 -11.26
C LYS C 240 22.63 -26.41 -10.20
N ILE C 241 22.87 -25.50 -9.26
CA ILE C 241 21.90 -25.22 -8.20
C ILE C 241 20.57 -24.75 -8.80
N LYS C 242 20.63 -23.82 -9.75
CA LYS C 242 19.40 -23.32 -10.36
C LYS C 242 18.55 -24.47 -10.91
N GLU C 243 19.17 -25.35 -11.67
CA GLU C 243 18.47 -26.49 -12.28
C GLU C 243 17.96 -27.43 -11.18
N GLU C 244 18.76 -27.60 -10.14
CA GLU C 244 18.35 -28.47 -9.06
C GLU C 244 17.10 -28.03 -8.27
N VAL C 245 16.94 -26.72 -8.06
CA VAL C 245 15.77 -26.23 -7.31
C VAL C 245 14.67 -25.73 -8.23
N LYS C 246 14.96 -25.81 -9.51
CA LYS C 246 14.10 -25.35 -10.60
C LYS C 246 12.58 -25.29 -10.36
N ASP C 247 11.95 -26.41 -10.04
CA ASP C 247 10.52 -26.35 -9.85
C ASP C 247 10.07 -26.22 -8.41
N LYS C 248 11.02 -25.95 -7.54
CA LYS C 248 10.70 -25.79 -6.14
C LYS C 248 10.78 -24.34 -5.67
N VAL C 249 11.09 -23.42 -6.60
CA VAL C 249 11.18 -21.99 -6.26
C VAL C 249 10.40 -21.13 -7.24
N TYR C 250 9.94 -19.97 -6.81
CA TYR C 250 9.32 -19.08 -7.79
C TYR C 250 10.43 -18.55 -8.71
N GLY C 251 11.63 -18.43 -8.16
CA GLY C 251 12.74 -17.97 -8.94
C GLY C 251 13.99 -17.98 -8.10
N ILE C 252 15.13 -17.84 -8.75
CA ILE C 252 16.39 -17.82 -8.05
C ILE C 252 17.34 -17.02 -8.94
N THR C 253 18.23 -16.21 -8.35
CA THR C 253 19.10 -15.44 -9.19
C THR C 253 20.26 -14.94 -8.33
N ILE C 254 21.15 -14.15 -8.92
CA ILE C 254 22.29 -13.66 -8.17
C ILE C 254 21.90 -12.42 -7.39
N SER C 255 22.39 -12.29 -6.17
CA SER C 255 22.08 -11.11 -5.35
C SER C 255 23.15 -10.07 -5.67
N GLY C 256 22.73 -8.91 -6.15
CA GLY C 256 23.69 -7.84 -6.47
C GLY C 256 24.70 -8.33 -7.50
N SER C 257 25.97 -8.00 -7.32
CA SER C 257 26.98 -8.48 -8.24
C SER C 257 27.54 -9.85 -7.79
N GLY C 258 26.89 -10.47 -6.79
CA GLY C 258 27.30 -11.78 -6.31
C GLY C 258 28.40 -11.71 -5.26
N PRO C 259 28.96 -12.84 -4.81
CA PRO C 259 28.61 -14.19 -5.23
C PRO C 259 27.38 -14.82 -4.58
N SER C 260 26.75 -14.13 -3.61
CA SER C 260 25.57 -14.66 -2.94
C SER C 260 24.42 -14.91 -3.93
N ILE C 261 23.60 -15.92 -3.63
CA ILE C 261 22.48 -16.33 -4.47
C ILE C 261 21.20 -16.07 -3.68
N ILE C 262 20.16 -15.53 -4.32
CA ILE C 262 18.90 -15.31 -3.62
C ILE C 262 17.80 -16.17 -4.28
N ALA C 263 17.07 -16.92 -3.46
CA ALA C 263 15.99 -17.76 -4.00
C ALA C 263 14.67 -17.47 -3.29
N PHE C 264 13.57 -17.63 -4.01
CA PHE C 264 12.26 -17.40 -3.43
C PHE C 264 11.60 -18.79 -3.46
N PRO C 265 11.80 -19.55 -2.40
CA PRO C 265 11.19 -20.89 -2.39
C PRO C 265 9.66 -20.94 -2.32
N LYS C 266 9.09 -21.95 -2.96
CA LYS C 266 7.65 -22.13 -2.85
C LYS C 266 7.39 -22.63 -1.40
N GLU C 267 6.26 -22.27 -0.83
CA GLU C 267 5.96 -22.65 0.56
C GLU C 267 6.10 -24.15 0.85
N GLU C 268 5.63 -24.97 -0.08
CA GLU C 268 5.68 -26.40 0.11
C GLU C 268 7.09 -27.00 0.04
N PHE C 269 8.05 -26.26 -0.50
CA PHE C 269 9.40 -26.80 -0.61
C PHE C 269 10.49 -26.04 0.13
N ILE C 270 10.13 -25.11 1.00
CA ILE C 270 11.17 -24.33 1.64
C ILE C 270 12.27 -25.13 2.33
N ASP C 271 11.90 -26.12 3.14
CA ASP C 271 12.91 -26.93 3.82
C ASP C 271 13.84 -27.61 2.84
N GLU C 272 13.27 -28.17 1.79
CA GLU C 272 14.09 -28.87 0.82
C GLU C 272 15.05 -27.98 0.03
N VAL C 273 14.57 -26.83 -0.39
CA VAL C 273 15.44 -25.91 -1.16
C VAL C 273 16.53 -25.44 -0.23
N GLU C 274 16.16 -25.18 1.02
CA GLU C 274 17.15 -24.73 1.97
C GLU C 274 18.19 -25.85 2.14
N ASN C 275 17.72 -27.09 2.21
CA ASN C 275 18.69 -28.20 2.35
C ASN C 275 19.57 -28.33 1.13
N ILE C 276 18.99 -28.19 -0.07
CA ILE C 276 19.79 -28.26 -1.28
C ILE C 276 20.87 -27.15 -1.28
N LEU C 277 20.47 -25.92 -0.96
CA LEU C 277 21.44 -24.82 -0.94
C LEU C 277 22.54 -25.14 0.04
N ARG C 278 22.16 -25.56 1.24
CA ARG C 278 23.13 -25.93 2.28
C ARG C 278 24.08 -27.04 1.84
N ASP C 279 23.63 -27.93 0.95
CA ASP C 279 24.53 -28.98 0.48
C ASP C 279 25.71 -28.35 -0.29
N TYR C 280 25.45 -27.23 -0.94
CA TYR C 280 26.51 -26.55 -1.70
C TYR C 280 27.18 -25.44 -0.90
N TYR C 281 26.41 -24.75 -0.07
CA TYR C 281 26.93 -23.63 0.72
C TYR C 281 26.50 -23.64 2.19
N GLU C 282 27.45 -23.90 3.08
CA GLU C 282 27.18 -23.94 4.51
C GLU C 282 26.48 -22.71 5.03
N ASN C 283 26.92 -21.55 4.58
CA ASN C 283 26.33 -20.30 5.04
C ASN C 283 25.06 -20.02 4.22
N THR C 284 23.95 -20.57 4.70
CA THR C 284 22.66 -20.36 4.05
C THR C 284 21.70 -19.80 5.08
N ILE C 285 20.93 -18.80 4.67
CA ILE C 285 20.03 -18.14 5.59
C ILE C 285 18.62 -18.11 5.11
N ARG C 286 17.69 -18.32 6.04
CA ARG C 286 16.29 -18.25 5.69
C ARG C 286 15.82 -16.90 6.25
N THR C 287 15.20 -16.09 5.40
CA THR C 287 14.74 -14.80 5.88
C THR C 287 13.49 -14.41 5.12
N GLU C 288 13.17 -13.13 5.03
CA GLU C 288 11.92 -12.67 4.36
C GLU C 288 12.15 -11.20 4.01
N VAL C 289 11.22 -10.55 3.33
CA VAL C 289 11.40 -9.13 2.96
C VAL C 289 11.42 -8.29 4.24
N GLY C 290 12.35 -7.34 4.33
CA GLY C 290 12.46 -6.49 5.53
C GLY C 290 11.77 -5.13 5.40
N LYS C 291 11.69 -4.40 6.50
CA LYS C 291 11.02 -3.10 6.50
C LYS C 291 11.99 -1.92 6.52
N GLY C 292 13.28 -2.18 6.40
CA GLY C 292 14.23 -1.08 6.39
C GLY C 292 14.88 -0.74 7.72
N VAL C 293 15.77 0.24 7.71
CA VAL C 293 16.46 0.61 8.95
C VAL C 293 15.42 0.96 10.02
N GLU C 294 15.65 0.55 11.26
CA GLU C 294 14.71 0.90 12.32
C GLU C 294 15.50 1.04 13.62
N VAL C 295 14.94 1.81 14.54
CA VAL C 295 15.56 2.02 15.85
C VAL C 295 15.38 0.76 16.67
N VAL C 296 16.43 0.37 17.39
CA VAL C 296 16.34 -0.81 18.24
C VAL C 296 16.58 -0.45 19.72
N MET D 1 -26.84 -13.16 -40.64
CA MET D 1 -25.70 -13.58 -39.77
C MET D 1 -24.50 -12.62 -39.92
N LYS D 2 -24.55 -11.50 -39.20
CA LYS D 2 -23.48 -10.51 -39.29
C LYS D 2 -23.17 -9.80 -37.97
N VAL D 3 -21.92 -9.35 -37.85
CA VAL D 3 -21.45 -8.65 -36.66
C VAL D 3 -20.71 -7.38 -37.09
N ARG D 4 -20.96 -6.31 -36.34
CA ARG D 4 -20.36 -5.02 -36.60
C ARG D 4 -19.56 -4.60 -35.36
N VAL D 5 -18.29 -4.26 -35.57
CA VAL D 5 -17.44 -3.83 -34.44
C VAL D 5 -16.72 -2.51 -34.71
N LYS D 6 -16.34 -1.82 -33.63
CA LYS D 6 -15.54 -0.58 -33.71
C LYS D 6 -14.16 -1.07 -33.26
N ALA D 7 -13.16 -0.92 -34.12
CA ALA D 7 -11.79 -1.38 -33.83
C ALA D 7 -10.91 -0.12 -33.68
N PRO D 8 -10.51 0.22 -32.44
CA PRO D 8 -9.70 1.43 -32.19
C PRO D 8 -8.24 1.51 -32.63
N CYS D 9 -7.81 2.75 -32.89
CA CYS D 9 -6.43 3.08 -33.21
C CYS D 9 -5.69 2.93 -31.89
N THR D 10 -4.38 2.75 -31.95
CA THR D 10 -3.61 2.55 -30.72
C THR D 10 -2.27 3.25 -30.87
N SER D 11 -1.63 3.59 -29.75
N SER D 11 -1.64 3.56 -29.75
CA SER D 11 -0.32 4.23 -29.81
CA SER D 11 -0.33 4.21 -29.76
C SER D 11 0.68 3.26 -29.12
C SER D 11 0.68 3.30 -29.13
N ALA D 12 1.64 2.83 -29.91
CA ALA D 12 2.65 1.90 -29.41
C ALA D 12 3.96 2.64 -29.06
N ASN D 13 4.79 1.98 -28.23
CA ASN D 13 6.13 2.42 -27.75
C ASN D 13 6.06 3.38 -26.57
N LEU D 14 5.40 4.52 -26.74
CA LEU D 14 5.32 5.46 -25.63
C LEU D 14 6.72 5.77 -25.06
N GLY D 15 7.64 6.10 -25.96
CA GLY D 15 9.00 6.47 -25.56
C GLY D 15 9.87 5.34 -25.07
N VAL D 16 9.98 5.17 -23.76
CA VAL D 16 10.83 4.11 -23.25
C VAL D 16 10.19 2.71 -23.29
N GLY D 17 8.94 2.60 -23.70
CA GLY D 17 8.34 1.25 -23.77
C GLY D 17 8.41 0.62 -25.17
N PHE D 18 9.39 1.07 -25.94
CA PHE D 18 9.60 0.57 -27.32
C PHE D 18 9.45 -0.95 -27.48
N ASP D 19 8.53 -1.35 -28.36
CA ASP D 19 8.24 -2.75 -28.67
C ASP D 19 7.58 -3.49 -27.50
N VAL D 20 7.15 -2.76 -26.48
CA VAL D 20 6.49 -3.36 -25.31
C VAL D 20 5.16 -2.69 -25.01
N PHE D 21 5.18 -1.39 -24.76
CA PHE D 21 3.97 -0.66 -24.38
C PHE D 21 3.01 -0.37 -25.47
N GLY D 22 1.73 -0.31 -25.08
CA GLY D 22 0.69 0.06 -26.01
C GLY D 22 -0.42 0.76 -25.27
N LEU D 23 -1.05 1.75 -25.89
CA LEU D 23 -2.18 2.45 -25.24
C LEU D 23 -3.33 2.47 -26.23
N CYS D 24 -4.53 2.12 -25.76
CA CYS D 24 -5.70 2.08 -26.63
C CYS D 24 -6.37 3.42 -26.68
N LEU D 25 -6.69 3.89 -27.88
CA LEU D 25 -7.37 5.20 -28.03
C LEU D 25 -8.86 4.95 -28.16
N LYS D 26 -9.67 5.93 -27.81
CA LYS D 26 -11.11 5.77 -27.98
C LYS D 26 -11.43 6.12 -29.45
N GLU D 27 -10.77 7.14 -29.98
CA GLU D 27 -10.93 7.61 -31.36
C GLU D 27 -9.52 7.88 -31.91
N PRO D 28 -9.29 7.70 -33.22
CA PRO D 28 -10.21 7.24 -34.28
C PRO D 28 -10.31 5.71 -34.26
N TYR D 29 -11.25 5.17 -35.04
CA TYR D 29 -11.40 3.73 -35.08
C TYR D 29 -11.97 3.27 -36.40
N ASP D 30 -11.74 2.01 -36.72
CA ASP D 30 -12.27 1.39 -37.96
C ASP D 30 -13.67 0.87 -37.62
N VAL D 31 -14.54 0.80 -38.61
CA VAL D 31 -15.86 0.19 -38.38
C VAL D 31 -15.80 -1.02 -39.32
N ILE D 32 -15.90 -2.19 -38.72
CA ILE D 32 -15.77 -3.44 -39.46
C ILE D 32 -17.01 -4.31 -39.34
N GLU D 33 -17.51 -4.76 -40.49
CA GLU D 33 -18.68 -5.61 -40.48
C GLU D 33 -18.27 -6.90 -41.13
N VAL D 34 -18.55 -8.00 -40.45
CA VAL D 34 -18.22 -9.29 -41.00
C VAL D 34 -19.52 -10.10 -41.09
N GLU D 35 -19.66 -10.84 -42.19
CA GLU D 35 -20.85 -11.64 -42.42
C GLU D 35 -20.49 -12.97 -43.07
N ALA D 36 -21.04 -14.05 -42.53
CA ALA D 36 -20.75 -15.37 -43.06
C ALA D 36 -21.48 -15.51 -44.38
N ILE D 37 -20.78 -16.07 -45.37
CA ILE D 37 -21.37 -16.30 -46.68
C ILE D 37 -21.19 -17.77 -47.01
N ASP D 38 -22.26 -18.40 -47.51
CA ASP D 38 -22.20 -19.81 -47.85
C ASP D 38 -21.00 -20.09 -48.73
N ASP D 39 -20.74 -19.19 -49.67
CA ASP D 39 -19.59 -19.36 -50.55
C ASP D 39 -18.29 -19.31 -49.73
N LYS D 40 -17.49 -20.36 -49.85
CA LYS D 40 -16.23 -20.42 -49.10
C LYS D 40 -15.15 -19.51 -49.69
N GLU D 41 -15.40 -18.21 -49.64
CA GLU D 41 -14.46 -17.21 -50.12
C GLU D 41 -14.42 -16.06 -49.12
N ILE D 42 -13.45 -15.17 -49.26
CA ILE D 42 -13.34 -14.02 -48.38
C ILE D 42 -13.38 -12.76 -49.23
N ILE D 43 -14.48 -12.04 -49.17
CA ILE D 43 -14.65 -10.83 -49.94
C ILE D 43 -14.52 -9.61 -49.02
N ILE D 44 -13.68 -8.67 -49.43
CA ILE D 44 -13.44 -7.47 -48.65
C ILE D 44 -13.70 -6.15 -49.36
N GLU D 45 -14.40 -5.25 -48.67
CA GLU D 45 -14.69 -3.92 -49.19
C GLU D 45 -14.11 -2.93 -48.18
N VAL D 46 -13.31 -1.99 -48.67
CA VAL D 46 -12.70 -0.99 -47.81
C VAL D 46 -12.78 0.38 -48.47
N ASP D 47 -13.33 1.35 -47.73
CA ASP D 47 -13.51 2.71 -48.23
C ASP D 47 -12.22 3.50 -48.53
N ASP D 48 -11.06 2.88 -48.34
CA ASP D 48 -9.79 3.56 -48.60
C ASP D 48 -9.17 2.91 -49.83
N LYS D 49 -9.19 3.63 -50.94
CA LYS D 49 -8.65 3.11 -52.19
C LYS D 49 -7.20 2.67 -52.11
N ASN D 50 -6.50 3.09 -51.06
CA ASN D 50 -5.09 2.72 -50.91
C ASN D 50 -4.90 1.34 -50.30
N ILE D 51 -5.97 0.79 -49.73
CA ILE D 51 -5.88 -0.51 -49.10
C ILE D 51 -6.36 -1.64 -50.03
N PRO D 52 -5.58 -2.72 -50.13
CA PRO D 52 -5.91 -3.87 -50.97
C PRO D 52 -7.26 -4.51 -50.60
N THR D 53 -7.91 -5.13 -51.59
CA THR D 53 -9.19 -5.82 -51.35
C THR D 53 -8.92 -7.31 -51.49
N ASP D 54 -7.70 -7.58 -51.93
CA ASP D 54 -7.18 -8.94 -52.11
C ASP D 54 -7.12 -9.58 -50.71
N PRO D 55 -8.09 -10.45 -50.38
CA PRO D 55 -8.11 -11.10 -49.06
C PRO D 55 -6.77 -11.70 -48.59
N ASP D 56 -5.81 -11.78 -49.50
CA ASP D 56 -4.50 -12.33 -49.16
C ASP D 56 -3.50 -11.22 -48.86
N LYS D 57 -3.97 -9.99 -48.99
CA LYS D 57 -3.13 -8.84 -48.70
C LYS D 57 -3.76 -7.96 -47.63
N ASN D 58 -5.07 -7.75 -47.69
CA ASN D 58 -5.73 -6.95 -46.68
C ASN D 58 -5.57 -7.80 -45.42
N VAL D 59 -4.97 -7.22 -44.37
CA VAL D 59 -4.71 -7.91 -43.11
C VAL D 59 -5.96 -8.56 -42.58
N ALA D 60 -7.10 -7.92 -42.86
CA ALA D 60 -8.35 -8.47 -42.41
C ALA D 60 -8.56 -9.84 -43.08
N GLY D 61 -8.29 -9.94 -44.38
CA GLY D 61 -8.49 -11.22 -45.04
C GLY D 61 -7.51 -12.26 -44.53
N ILE D 62 -6.29 -11.82 -44.25
CA ILE D 62 -5.28 -12.73 -43.75
C ILE D 62 -5.70 -13.34 -42.41
N VAL D 63 -6.19 -12.50 -41.51
CA VAL D 63 -6.62 -12.99 -40.19
C VAL D 63 -7.82 -13.94 -40.29
N ALA D 64 -8.87 -13.51 -41.00
CA ALA D 64 -10.07 -14.33 -41.14
C ALA D 64 -9.74 -15.74 -41.65
N LYS D 65 -8.95 -15.81 -42.71
CA LYS D 65 -8.56 -17.10 -43.25
C LYS D 65 -7.88 -17.99 -42.21
N LYS D 66 -6.87 -17.45 -41.54
CA LYS D 66 -6.13 -18.20 -40.54
C LYS D 66 -7.08 -18.84 -39.56
N MET D 67 -8.04 -18.04 -39.10
CA MET D 67 -9.01 -18.51 -38.12
C MET D 67 -10.03 -19.53 -38.65
N ILE D 68 -10.46 -19.38 -39.90
CA ILE D 68 -11.41 -20.29 -40.49
C ILE D 68 -10.76 -21.66 -40.65
N ASP D 69 -9.55 -21.67 -41.18
CA ASP D 69 -8.82 -22.91 -41.34
C ASP D 69 -8.65 -23.57 -39.97
N ASP D 70 -8.00 -22.86 -39.06
CA ASP D 70 -7.77 -23.37 -37.72
C ASP D 70 -9.01 -23.98 -37.08
N PHE D 71 -10.14 -23.30 -37.16
CA PHE D 71 -11.35 -23.84 -36.54
C PHE D 71 -12.27 -24.62 -37.47
N ASN D 72 -11.77 -24.90 -38.67
CA ASN D 72 -12.53 -25.66 -39.66
C ASN D 72 -13.94 -25.11 -39.77
N ILE D 73 -14.02 -23.82 -40.07
CA ILE D 73 -15.29 -23.12 -40.23
C ILE D 73 -15.79 -23.47 -41.64
N GLY D 74 -17.05 -23.86 -41.72
CA GLY D 74 -17.61 -24.25 -43.00
C GLY D 74 -17.81 -23.13 -44.00
N LYS D 75 -18.04 -21.92 -43.50
CA LYS D 75 -18.31 -20.80 -44.39
C LYS D 75 -17.16 -19.90 -44.78
N GLY D 76 -17.55 -18.84 -45.48
CA GLY D 76 -16.63 -17.81 -45.93
C GLY D 76 -17.14 -16.51 -45.33
N VAL D 77 -16.49 -15.40 -45.66
CA VAL D 77 -16.92 -14.13 -45.11
C VAL D 77 -16.80 -12.95 -46.04
N LYS D 78 -17.65 -11.96 -45.82
CA LYS D 78 -17.60 -10.72 -46.56
C LYS D 78 -17.35 -9.70 -45.45
N ILE D 79 -16.26 -8.95 -45.60
CA ILE D 79 -15.84 -7.97 -44.62
C ILE D 79 -15.87 -6.56 -45.21
N THR D 80 -16.62 -5.68 -44.55
CA THR D 80 -16.75 -4.29 -44.97
C THR D 80 -15.98 -3.42 -43.99
N ILE D 81 -15.00 -2.69 -44.50
CA ILE D 81 -14.16 -1.84 -43.66
C ILE D 81 -14.25 -0.34 -43.88
N LYS D 82 -14.66 0.37 -42.83
CA LYS D 82 -14.67 1.83 -42.91
C LYS D 82 -13.40 2.26 -42.12
N LYS D 83 -12.35 2.73 -42.80
CA LYS D 83 -11.12 3.10 -42.07
C LYS D 83 -11.17 4.31 -41.14
N GLY D 84 -10.43 4.23 -40.02
CA GLY D 84 -10.41 5.34 -39.07
C GLY D 84 -9.32 6.32 -39.46
N VAL D 85 -8.16 5.78 -39.82
CA VAL D 85 -7.01 6.55 -40.28
C VAL D 85 -6.23 5.75 -41.28
N LYS D 86 -5.45 6.50 -42.07
CA LYS D 86 -4.60 5.98 -43.11
C LYS D 86 -3.48 5.15 -42.52
N ALA D 87 -2.92 4.24 -43.32
CA ALA D 87 -1.78 3.42 -42.91
C ALA D 87 -0.54 4.32 -42.93
N GLY D 88 0.54 3.90 -42.30
CA GLY D 88 1.74 4.73 -42.30
C GLY D 88 1.63 6.04 -41.51
N SER D 89 0.74 6.07 -40.52
CA SER D 89 0.58 7.28 -39.72
C SER D 89 1.04 7.07 -38.26
N GLY D 90 1.34 5.80 -37.91
CA GLY D 90 1.82 5.46 -36.58
C GLY D 90 0.73 5.26 -35.54
N LEU D 91 -0.51 5.11 -36.02
CA LEU D 91 -1.67 4.95 -35.16
C LEU D 91 -2.31 3.55 -35.15
N GLY D 92 -1.59 2.53 -35.60
CA GLY D 92 -2.14 1.18 -35.59
C GLY D 92 -3.32 0.98 -36.54
N SER D 93 -3.23 1.56 -37.74
CA SER D 93 -4.29 1.45 -38.71
C SER D 93 -4.52 0.00 -39.12
N SER D 94 -3.45 -0.69 -39.50
CA SER D 94 -3.58 -2.09 -39.93
C SER D 94 -3.90 -2.93 -38.71
N ALA D 95 -3.33 -2.55 -37.55
CA ALA D 95 -3.63 -3.28 -36.32
C ALA D 95 -5.12 -3.22 -35.99
N ALA D 96 -5.73 -2.06 -36.20
CA ALA D 96 -7.17 -1.92 -35.89
C ALA D 96 -8.05 -2.90 -36.71
N SER D 97 -7.67 -3.10 -37.96
CA SER D 97 -8.37 -4.02 -38.86
C SER D 97 -8.08 -5.46 -38.47
N SER D 98 -6.82 -5.76 -38.11
CA SER D 98 -6.45 -7.09 -37.71
C SER D 98 -7.16 -7.51 -36.44
N ALA D 99 -7.11 -6.65 -35.41
CA ALA D 99 -7.75 -6.92 -34.12
C ALA D 99 -9.28 -6.92 -34.29
N GLY D 100 -9.78 -5.92 -35.01
CA GLY D 100 -11.20 -5.85 -35.26
C GLY D 100 -11.71 -7.14 -35.89
N THR D 101 -10.99 -7.65 -36.91
CA THR D 101 -11.39 -8.88 -37.57
C THR D 101 -11.29 -10.11 -36.70
N ALA D 102 -10.22 -10.22 -35.91
CA ALA D 102 -10.07 -11.38 -35.04
C ALA D 102 -11.22 -11.42 -34.04
N TYR D 103 -11.56 -10.26 -33.49
CA TYR D 103 -12.63 -10.14 -32.53
C TYR D 103 -14.02 -10.45 -33.20
N ALA D 104 -14.20 -9.94 -34.41
CA ALA D 104 -15.46 -10.09 -35.13
C ALA D 104 -15.77 -11.54 -35.46
N ILE D 105 -14.78 -12.25 -35.97
CA ILE D 105 -14.88 -13.67 -36.30
C ILE D 105 -15.15 -14.53 -35.07
N ASN D 106 -14.50 -14.20 -33.95
CA ASN D 106 -14.67 -14.91 -32.70
C ASN D 106 -16.11 -14.78 -32.24
N GLU D 107 -16.69 -13.60 -32.48
CA GLU D 107 -18.06 -13.32 -32.11
C GLU D 107 -19.04 -13.98 -33.08
N LEU D 108 -18.75 -13.86 -34.36
CA LEU D 108 -19.58 -14.40 -35.42
C LEU D 108 -19.75 -15.91 -35.35
N PHE D 109 -18.64 -16.61 -35.21
CA PHE D 109 -18.62 -18.06 -35.17
C PHE D 109 -18.53 -18.64 -33.74
N LYS D 110 -18.66 -17.80 -32.72
CA LYS D 110 -18.59 -18.26 -31.33
C LYS D 110 -17.43 -19.19 -31.02
N LEU D 111 -16.21 -18.71 -31.28
CA LEU D 111 -15.04 -19.53 -31.05
C LEU D 111 -14.60 -19.55 -29.60
N ASN D 112 -15.19 -18.70 -28.77
CA ASN D 112 -14.85 -18.64 -27.34
C ASN D 112 -13.33 -18.44 -27.10
N LEU D 113 -12.71 -17.55 -27.89
CA LEU D 113 -11.28 -17.28 -27.73
C LEU D 113 -11.05 -16.23 -26.64
N ASP D 114 -10.03 -16.41 -25.80
CA ASP D 114 -9.76 -15.40 -24.76
C ASP D 114 -9.01 -14.23 -25.46
N LYS D 115 -8.91 -13.11 -24.78
CA LYS D 115 -8.26 -11.94 -25.37
C LYS D 115 -6.83 -12.21 -25.88
N LEU D 116 -6.05 -12.96 -25.13
CA LEU D 116 -4.69 -13.26 -25.55
C LEU D 116 -4.70 -14.00 -26.88
N LYS D 117 -5.63 -14.95 -27.06
CA LYS D 117 -5.70 -15.69 -28.35
C LYS D 117 -6.11 -14.75 -29.50
N LEU D 118 -7.03 -13.83 -29.23
CA LEU D 118 -7.43 -12.87 -30.25
C LEU D 118 -6.19 -12.05 -30.66
N VAL D 119 -5.38 -11.63 -29.68
CA VAL D 119 -4.18 -10.82 -29.99
C VAL D 119 -3.25 -11.66 -30.83
N ASP D 120 -3.10 -12.92 -30.43
CA ASP D 120 -2.22 -13.79 -31.16
C ASP D 120 -2.65 -13.93 -32.63
N TYR D 121 -3.93 -14.19 -32.89
CA TYR D 121 -4.41 -14.29 -34.27
C TYR D 121 -4.27 -12.96 -35.00
N ALA D 122 -4.67 -11.87 -34.34
CA ALA D 122 -4.57 -10.56 -34.97
C ALA D 122 -3.12 -10.25 -35.36
N SER D 123 -2.15 -10.80 -34.62
CA SER D 123 -0.77 -10.50 -34.94
C SER D 123 -0.29 -11.13 -36.27
N TYR D 124 -1.01 -12.13 -36.79
CA TYR D 124 -0.63 -12.72 -38.07
C TYR D 124 -0.77 -11.68 -39.18
N GLY D 125 -1.80 -10.85 -39.08
CA GLY D 125 -1.98 -9.80 -40.07
C GLY D 125 -0.92 -8.71 -39.96
N GLU D 126 -0.22 -8.66 -38.84
CA GLU D 126 0.81 -7.64 -38.64
C GLU D 126 2.10 -8.18 -39.24
N LEU D 127 2.13 -9.50 -39.41
CA LEU D 127 3.27 -10.17 -39.99
C LEU D 127 3.35 -9.71 -41.45
N ALA D 128 2.19 -9.70 -42.10
CA ALA D 128 2.08 -9.28 -43.51
C ALA D 128 2.40 -7.80 -43.73
N SER D 129 1.84 -6.93 -42.89
CA SER D 129 2.06 -5.49 -43.02
C SER D 129 3.39 -5.00 -42.43
N SER D 130 3.94 -5.74 -41.47
CA SER D 130 5.18 -5.34 -40.82
C SER D 130 6.33 -6.32 -41.03
N GLY D 131 6.06 -7.46 -41.66
CA GLY D 131 7.10 -8.44 -41.87
C GLY D 131 7.58 -9.05 -40.56
N ALA D 132 6.63 -9.28 -39.64
CA ALA D 132 6.93 -9.84 -38.32
C ALA D 132 5.70 -9.77 -37.44
N LYS D 133 5.44 -10.85 -36.68
CA LYS D 133 4.28 -10.84 -35.80
C LYS D 133 4.44 -9.89 -34.63
N HIS D 134 4.14 -8.62 -34.86
CA HIS D 134 4.21 -7.62 -33.80
C HIS D 134 2.87 -7.57 -33.10
N ALA D 135 2.91 -7.66 -31.77
CA ALA D 135 1.69 -7.62 -30.97
C ALA D 135 1.47 -6.34 -30.18
N ASP D 136 2.43 -5.42 -30.18
CA ASP D 136 2.23 -4.22 -29.39
C ASP D 136 1.13 -3.22 -29.75
N ASN D 137 0.61 -3.26 -30.99
CA ASN D 137 -0.54 -2.42 -31.34
C ASN D 137 -1.82 -3.27 -31.23
N VAL D 138 -1.78 -4.53 -31.64
CA VAL D 138 -3.00 -5.35 -31.57
C VAL D 138 -3.38 -5.65 -30.13
N ALA D 139 -2.37 -5.78 -29.25
CA ALA D 139 -2.67 -6.03 -27.85
C ALA D 139 -3.57 -4.96 -27.23
N PRO D 140 -3.18 -3.66 -27.29
CA PRO D 140 -4.05 -2.64 -26.71
C PRO D 140 -5.42 -2.53 -27.44
N ALA D 141 -5.42 -2.76 -28.75
CA ALA D 141 -6.66 -2.68 -29.54
C ALA D 141 -7.69 -3.72 -28.98
N ILE D 142 -7.22 -4.90 -28.62
CA ILE D 142 -8.10 -5.92 -28.06
C ILE D 142 -8.44 -5.69 -26.59
N PHE D 143 -7.41 -5.57 -25.74
CA PHE D 143 -7.59 -5.39 -24.30
C PHE D 143 -8.09 -4.03 -23.83
N GLY D 144 -7.90 -2.97 -24.62
CA GLY D 144 -8.26 -1.64 -24.15
C GLY D 144 -7.18 -1.17 -23.14
N GLY D 145 -7.31 0.06 -22.63
CA GLY D 145 -6.37 0.58 -21.65
C GLY D 145 -4.91 0.49 -22.08
N PHE D 146 -4.05 0.14 -21.12
CA PHE D 146 -2.61 0.03 -21.34
C PHE D 146 -2.13 -1.42 -21.33
N THR D 147 -1.30 -1.78 -22.30
CA THR D 147 -0.80 -3.13 -22.32
C THR D 147 0.71 -3.18 -22.43
N MET D 148 1.27 -4.30 -22.02
CA MET D 148 2.68 -4.58 -22.14
C MET D 148 2.85 -5.98 -22.76
N VAL D 149 3.50 -6.05 -23.92
CA VAL D 149 3.77 -7.36 -24.52
C VAL D 149 5.08 -7.72 -23.88
N THR D 150 5.07 -8.74 -23.03
CA THR D 150 6.24 -9.12 -22.27
C THR D 150 6.95 -10.35 -22.76
N ASN D 151 6.44 -10.96 -23.84
CA ASN D 151 7.09 -12.16 -24.34
C ASN D 151 6.42 -12.61 -25.65
N TYR D 152 7.20 -13.32 -26.46
CA TYR D 152 6.76 -13.94 -27.73
C TYR D 152 7.29 -15.39 -27.67
N GLU D 153 6.58 -16.37 -28.21
CA GLU D 153 7.10 -17.76 -28.16
C GLU D 153 7.12 -18.35 -26.74
N PRO D 154 5.98 -18.37 -26.04
CA PRO D 154 4.67 -17.89 -26.46
C PRO D 154 4.44 -16.41 -26.15
N LEU D 155 3.35 -15.90 -26.72
CA LEU D 155 2.92 -14.53 -26.55
C LEU D 155 2.43 -14.33 -25.14
N GLU D 156 2.84 -13.24 -24.52
CA GLU D 156 2.37 -12.91 -23.19
C GLU D 156 2.00 -11.42 -23.19
N VAL D 157 0.83 -11.07 -22.65
CA VAL D 157 0.40 -9.70 -22.61
C VAL D 157 -0.12 -9.35 -21.21
N LEU D 158 0.39 -8.27 -20.62
CA LEU D 158 -0.07 -7.84 -19.31
C LEU D 158 -0.88 -6.60 -19.55
N HIS D 159 -2.05 -6.54 -18.93
CA HIS D 159 -2.97 -5.43 -19.13
C HIS D 159 -3.25 -4.61 -17.87
N ILE D 160 -3.20 -3.28 -18.02
CA ILE D 160 -3.49 -2.42 -16.88
C ILE D 160 -4.61 -1.49 -17.29
N PRO D 161 -5.79 -1.67 -16.69
CA PRO D 161 -6.97 -0.84 -17.00
C PRO D 161 -6.68 0.61 -16.61
N ILE D 162 -7.17 1.60 -17.35
CA ILE D 162 -6.94 2.99 -16.97
C ILE D 162 -8.36 3.43 -16.59
N ASP D 163 -8.61 3.41 -15.29
CA ASP D 163 -9.94 3.76 -14.79
C ASP D 163 -10.09 5.21 -14.37
N PHE D 164 -9.09 6.03 -14.71
CA PHE D 164 -9.12 7.46 -14.41
C PHE D 164 -9.07 8.16 -15.77
N LYS D 165 -9.51 9.40 -15.83
CA LYS D 165 -9.54 10.05 -17.14
C LYS D 165 -8.19 10.61 -17.54
N LEU D 166 -7.72 10.16 -18.70
CA LEU D 166 -6.45 10.59 -19.23
C LEU D 166 -6.74 11.25 -20.59
N ASP D 167 -6.70 12.58 -20.64
CA ASP D 167 -6.97 13.31 -21.90
C ASP D 167 -5.82 13.08 -22.86
N ILE D 168 -6.17 12.85 -24.10
CA ILE D 168 -5.20 12.60 -25.14
C ILE D 168 -5.43 13.49 -26.37
N LEU D 169 -4.33 14.03 -26.89
CA LEU D 169 -4.40 14.80 -28.13
C LEU D 169 -3.50 14.08 -29.10
N ILE D 170 -3.99 13.86 -30.32
CA ILE D 170 -3.19 13.22 -31.36
C ILE D 170 -3.03 14.20 -32.53
N ALA D 171 -1.80 14.37 -33.04
CA ALA D 171 -1.56 15.24 -34.22
C ALA D 171 -1.16 14.27 -35.33
N ILE D 172 -1.72 14.44 -36.52
CA ILE D 172 -1.43 13.53 -37.63
C ILE D 172 -0.95 14.33 -38.83
N PRO D 173 0.37 14.46 -39.00
CA PRO D 173 0.98 15.21 -40.09
C PRO D 173 0.56 14.57 -41.42
N ASN D 174 0.29 15.39 -42.40
CA ASN D 174 -0.10 14.90 -43.72
C ASN D 174 1.08 14.32 -44.52
N ILE D 175 1.85 13.43 -43.90
CA ILE D 175 2.95 12.72 -44.53
C ILE D 175 2.83 11.31 -44.00
N SER D 176 3.57 10.39 -44.59
CA SER D 176 3.57 9.01 -44.15
C SER D 176 5.01 8.54 -44.00
N ILE D 177 5.19 7.58 -43.11
CA ILE D 177 6.50 6.99 -42.88
C ILE D 177 6.31 5.48 -43.11
N ASN D 178 7.25 4.88 -43.82
CA ASN D 178 7.22 3.45 -44.12
C ASN D 178 7.67 2.70 -42.88
N THR D 179 6.79 1.84 -42.38
CA THR D 179 7.12 1.10 -41.18
C THR D 179 8.39 0.25 -41.26
N LYS D 180 8.65 -0.36 -42.42
CA LYS D 180 9.84 -1.21 -42.57
C LYS D 180 11.13 -0.42 -42.41
N GLU D 181 11.25 0.67 -43.14
CA GLU D 181 12.46 1.49 -43.05
C GLU D 181 12.57 2.13 -41.67
N ALA D 182 11.42 2.42 -41.06
CA ALA D 182 11.37 3.02 -39.74
C ALA D 182 12.14 2.12 -38.76
N ARG D 183 12.13 0.82 -38.99
CA ARG D 183 12.85 -0.11 -38.12
C ARG D 183 14.33 -0.29 -38.50
N GLU D 184 14.64 -0.35 -39.79
CA GLU D 184 16.02 -0.56 -40.23
C GLU D 184 16.99 0.54 -39.79
N ILE D 185 16.53 1.77 -39.73
CA ILE D 185 17.36 2.91 -39.30
C ILE D 185 17.59 2.92 -37.76
N LEU D 186 16.98 1.98 -37.04
CA LEU D 186 17.14 1.86 -35.58
C LEU D 186 18.51 1.24 -35.24
N PRO D 187 19.16 1.75 -34.19
CA PRO D 187 20.47 1.20 -33.83
C PRO D 187 20.34 -0.29 -33.59
N LYS D 188 21.42 -1.03 -33.82
CA LYS D 188 21.41 -2.49 -33.63
C LYS D 188 21.86 -2.83 -32.20
N ALA D 189 22.60 -1.91 -31.60
CA ALA D 189 23.11 -2.08 -30.25
C ALA D 189 22.89 -0.79 -29.49
N VAL D 190 22.74 -0.87 -28.18
CA VAL D 190 22.53 0.31 -27.37
C VAL D 190 23.49 0.19 -26.20
N GLY D 191 23.89 1.32 -25.62
CA GLY D 191 24.80 1.20 -24.51
C GLY D 191 24.14 0.65 -23.25
N LEU D 192 24.96 0.08 -22.37
CA LEU D 192 24.50 -0.50 -21.11
C LEU D 192 23.72 0.55 -20.37
N LYS D 193 24.25 1.77 -20.34
CA LYS D 193 23.59 2.87 -19.65
C LYS D 193 22.18 3.19 -20.17
N ASP D 194 21.96 2.98 -21.46
CA ASP D 194 20.64 3.24 -22.02
C ASP D 194 19.70 2.11 -21.59
N LEU D 195 20.24 0.91 -21.46
CA LEU D 195 19.44 -0.24 -21.02
C LEU D 195 18.91 0.09 -19.63
N VAL D 196 19.83 0.51 -18.77
CA VAL D 196 19.50 0.85 -17.40
C VAL D 196 18.50 1.98 -17.35
N ASN D 197 18.71 2.99 -18.20
CA ASN D 197 17.81 4.15 -18.15
C ASN D 197 16.38 3.77 -18.60
N ASN D 198 16.31 3.05 -19.68
CA ASN D 198 14.98 2.70 -20.22
C ASN D 198 14.24 1.72 -19.30
N VAL D 199 14.94 0.72 -18.77
CA VAL D 199 14.31 -0.19 -17.82
C VAL D 199 13.77 0.61 -16.63
N GLY D 200 14.57 1.51 -16.05
CA GLY D 200 14.06 2.28 -14.93
C GLY D 200 12.87 3.16 -15.24
N LYS D 201 12.91 3.86 -16.37
CA LYS D 201 11.84 4.77 -16.68
C LYS D 201 10.57 4.00 -17.05
N ALA D 202 10.76 2.89 -17.76
CA ALA D 202 9.56 2.09 -18.18
C ALA D 202 8.92 1.53 -16.89
N CYS D 203 9.73 1.02 -15.98
CA CYS D 203 9.18 0.52 -14.71
C CYS D 203 8.50 1.64 -13.93
N GLY D 204 9.08 2.86 -13.96
CA GLY D 204 8.46 3.98 -13.27
C GLY D 204 7.10 4.35 -13.91
N MET D 205 6.96 4.18 -15.21
CA MET D 205 5.69 4.41 -15.87
C MET D 205 4.62 3.41 -15.37
N VAL D 206 5.02 2.15 -15.19
CA VAL D 206 4.04 1.16 -14.70
C VAL D 206 3.60 1.54 -13.27
N TYR D 207 4.58 1.91 -12.42
CA TYR D 207 4.30 2.36 -11.06
C TYR D 207 3.36 3.59 -11.16
N ALA D 208 3.64 4.49 -12.12
CA ALA D 208 2.84 5.71 -12.27
C ALA D 208 1.39 5.36 -12.58
N LEU D 209 1.18 4.35 -13.40
CA LEU D 209 -0.22 3.99 -13.70
C LEU D 209 -0.94 3.49 -12.45
N TYR D 210 -0.31 2.61 -11.68
CA TYR D 210 -0.93 2.10 -10.44
C TYR D 210 -1.16 3.20 -9.39
N ASN D 211 -0.37 4.26 -9.46
CA ASN D 211 -0.52 5.37 -8.56
C ASN D 211 -1.28 6.52 -9.18
N LYS D 212 -1.84 6.29 -10.38
CA LYS D 212 -2.59 7.31 -11.11
C LYS D 212 -1.82 8.65 -11.10
N ASP D 213 -0.53 8.57 -11.40
CA ASP D 213 0.30 9.77 -11.39
C ASP D 213 0.67 10.11 -12.85
N LYS D 214 -0.17 10.95 -13.46
CA LYS D 214 -0.02 11.40 -14.83
C LYS D 214 1.26 12.11 -15.11
N SER D 215 1.64 12.94 -14.15
CA SER D 215 2.87 13.68 -14.26
C SER D 215 4.11 12.81 -14.38
N LEU D 216 4.18 11.82 -13.50
CA LEU D 216 5.31 10.90 -13.47
C LEU D 216 5.30 10.08 -14.76
N PHE D 217 4.13 9.63 -15.15
CA PHE D 217 4.00 8.80 -16.37
C PHE D 217 4.51 9.53 -17.62
N GLY D 218 4.05 10.76 -17.81
CA GLY D 218 4.42 11.52 -18.99
C GLY D 218 5.84 11.99 -18.99
N ARG D 219 6.40 12.24 -17.82
CA ARG D 219 7.77 12.71 -17.76
C ARG D 219 8.69 11.55 -18.10
N TYR D 220 8.46 10.38 -17.50
CA TYR D 220 9.35 9.24 -17.83
C TYR D 220 9.20 8.82 -19.30
N MET D 221 8.00 8.97 -19.83
CA MET D 221 7.71 8.62 -21.24
C MET D 221 8.65 9.37 -22.19
N MET D 222 8.96 10.60 -21.83
CA MET D 222 9.82 11.46 -22.65
C MET D 222 11.31 11.26 -22.43
N SER D 223 11.71 10.19 -21.72
CA SER D 223 13.13 9.97 -21.41
C SER D 223 13.93 9.10 -22.34
N ASP D 224 13.37 8.60 -23.42
CA ASP D 224 14.17 7.71 -24.26
C ASP D 224 15.23 8.45 -25.14
N LYS D 225 16.44 7.93 -25.19
CA LYS D 225 17.54 8.50 -25.99
C LYS D 225 18.00 7.51 -27.03
N VAL D 226 17.34 6.35 -27.07
CA VAL D 226 17.71 5.32 -28.02
C VAL D 226 16.94 5.40 -29.36
N ILE D 227 15.61 5.36 -29.29
CA ILE D 227 14.77 5.39 -30.49
C ILE D 227 14.24 6.77 -30.86
N GLU D 228 13.62 7.44 -29.91
CA GLU D 228 13.03 8.74 -30.19
C GLU D 228 13.91 9.81 -30.86
N PRO D 229 15.17 9.95 -30.45
CA PRO D 229 15.99 10.98 -31.12
C PRO D 229 16.24 10.71 -32.61
N VAL D 230 16.25 9.45 -33.00
CA VAL D 230 16.50 9.07 -34.37
C VAL D 230 15.20 9.20 -35.17
N ARG D 231 14.18 8.51 -34.67
CA ARG D 231 12.87 8.50 -35.28
C ARG D 231 12.26 9.89 -35.39
N GLY D 232 12.56 10.74 -34.42
CA GLY D 232 12.00 12.08 -34.39
C GLY D 232 12.53 13.01 -35.49
N LYS D 233 13.68 12.68 -36.07
CA LYS D 233 14.29 13.51 -37.13
C LYS D 233 13.43 13.49 -38.40
N LEU D 234 12.62 12.45 -38.56
CA LEU D 234 11.78 12.31 -39.75
C LEU D 234 10.48 13.07 -39.66
N ILE D 235 10.14 13.56 -38.49
CA ILE D 235 8.86 14.25 -38.29
C ILE D 235 9.10 15.74 -38.23
N PRO D 236 8.57 16.47 -39.18
CA PRO D 236 8.78 17.92 -39.21
C PRO D 236 8.39 18.69 -37.98
N ASN D 237 9.32 19.51 -37.48
CA ASN D 237 9.05 20.33 -36.31
C ASN D 237 8.67 19.57 -35.04
N TYR D 238 8.87 18.26 -35.05
CA TYR D 238 8.55 17.48 -33.85
C TYR D 238 9.36 17.97 -32.66
N PHE D 239 10.69 18.04 -32.78
CA PHE D 239 11.45 18.50 -31.62
C PHE D 239 11.10 19.89 -31.15
N LYS D 240 10.70 20.76 -32.07
CA LYS D 240 10.34 22.12 -31.74
C LYS D 240 8.98 22.19 -31.07
N ILE D 241 8.03 21.40 -31.54
CA ILE D 241 6.74 21.45 -30.90
C ILE D 241 6.84 20.90 -29.47
N LYS D 242 7.70 19.91 -29.26
CA LYS D 242 7.85 19.29 -27.94
C LYS D 242 8.32 20.38 -26.99
N GLU D 243 9.31 21.17 -27.41
CA GLU D 243 9.82 22.23 -26.55
C GLU D 243 8.74 23.27 -26.29
N GLU D 244 7.97 23.59 -27.32
CA GLU D 244 6.91 24.58 -27.21
C GLU D 244 5.76 24.26 -26.26
N VAL D 245 5.39 22.99 -26.13
CA VAL D 245 4.28 22.65 -25.24
C VAL D 245 4.74 22.05 -23.91
N LYS D 246 6.06 21.99 -23.73
CA LYS D 246 6.69 21.38 -22.57
C LYS D 246 6.06 21.58 -21.20
N ASP D 247 5.68 22.79 -20.85
CA ASP D 247 5.09 22.98 -19.54
C ASP D 247 3.59 22.87 -19.57
N LYS D 248 3.02 22.61 -20.73
CA LYS D 248 1.56 22.52 -20.79
C LYS D 248 1.03 21.10 -20.96
N VAL D 249 1.95 20.12 -20.98
CA VAL D 249 1.52 18.71 -21.12
C VAL D 249 2.20 17.84 -20.06
N TYR D 250 1.64 16.68 -19.78
CA TYR D 250 2.30 15.79 -18.84
C TYR D 250 3.44 15.14 -19.61
N GLY D 251 3.21 14.99 -20.92
CA GLY D 251 4.24 14.39 -21.76
C GLY D 251 3.75 14.42 -23.18
N ILE D 252 4.67 14.20 -24.11
CA ILE D 252 4.33 14.17 -25.52
C ILE D 252 5.42 13.34 -26.13
N THR D 253 5.05 12.47 -27.07
CA THR D 253 6.04 11.63 -27.71
C THR D 253 5.52 11.16 -29.06
N ILE D 254 6.32 10.36 -29.72
CA ILE D 254 5.93 9.91 -31.04
C ILE D 254 4.99 8.72 -30.89
N SER D 255 3.96 8.65 -31.72
CA SER D 255 3.06 7.51 -31.65
C SER D 255 3.58 6.42 -32.63
N GLY D 256 3.86 5.22 -32.11
CA GLY D 256 4.36 4.15 -32.95
C GLY D 256 5.62 4.61 -33.68
N SER D 257 5.68 4.34 -34.98
CA SER D 257 6.86 4.76 -35.76
C SER D 257 6.69 6.15 -36.36
N GLY D 258 5.63 6.86 -35.97
CA GLY D 258 5.43 8.18 -36.52
C GLY D 258 4.64 8.13 -37.82
N PRO D 259 4.34 9.28 -38.41
CA PRO D 259 4.70 10.63 -37.97
C PRO D 259 3.73 11.19 -36.95
N SER D 260 2.69 10.46 -36.61
CA SER D 260 1.73 10.97 -35.63
C SER D 260 2.40 11.16 -34.26
N ILE D 261 1.88 12.14 -33.56
CA ILE D 261 2.41 12.55 -32.26
C ILE D 261 1.32 12.39 -31.22
N ILE D 262 1.67 11.82 -30.07
CA ILE D 262 0.65 11.69 -29.02
C ILE D 262 1.03 12.58 -27.82
N ALA D 263 0.11 13.40 -27.36
CA ALA D 263 0.35 14.25 -26.21
C ALA D 263 -0.71 14.02 -25.10
N PHE D 264 -0.31 14.24 -23.86
CA PHE D 264 -1.19 14.16 -22.69
C PHE D 264 -1.24 15.59 -22.10
N PRO D 265 -2.16 16.41 -22.57
CA PRO D 265 -2.26 17.79 -22.09
C PRO D 265 -2.77 17.94 -20.65
N LYS D 266 -2.23 18.91 -19.93
CA LYS D 266 -2.74 19.20 -18.59
C LYS D 266 -4.11 19.79 -18.84
N GLU D 267 -5.04 19.55 -17.94
CA GLU D 267 -6.41 20.00 -18.08
C GLU D 267 -6.59 21.48 -18.36
N GLU D 268 -5.74 22.31 -17.78
CA GLU D 268 -5.81 23.76 -17.95
C GLU D 268 -5.40 24.22 -19.34
N PHE D 269 -4.54 23.45 -20.01
CA PHE D 269 -4.06 23.85 -21.32
C PHE D 269 -4.51 22.99 -22.50
N ILE D 270 -5.54 22.19 -22.32
CA ILE D 270 -5.92 21.34 -23.43
C ILE D 270 -6.25 22.08 -24.73
N ASP D 271 -7.02 23.16 -24.64
CA ASP D 271 -7.39 23.92 -25.83
C ASP D 271 -6.15 24.54 -26.45
N GLU D 272 -5.31 25.14 -25.62
CA GLU D 272 -4.10 25.78 -26.15
C GLU D 272 -3.14 24.80 -26.82
N VAL D 273 -2.93 23.63 -26.21
CA VAL D 273 -2.04 22.63 -26.79
C VAL D 273 -2.67 22.15 -28.08
N GLU D 274 -3.98 21.91 -28.09
CA GLU D 274 -4.57 21.48 -29.34
C GLU D 274 -4.37 22.56 -30.43
N ASN D 275 -4.52 23.85 -30.08
CA ASN D 275 -4.34 24.90 -31.11
C ASN D 275 -2.91 24.90 -31.65
N ILE D 276 -1.93 24.72 -30.77
CA ILE D 276 -0.56 24.66 -31.20
C ILE D 276 -0.35 23.49 -32.15
N LEU D 277 -0.86 22.31 -31.78
CA LEU D 277 -0.71 21.12 -32.62
C LEU D 277 -1.39 21.36 -33.97
N ARG D 278 -2.63 21.83 -33.92
CA ARG D 278 -3.38 22.07 -35.15
C ARG D 278 -2.63 23.07 -36.03
N ASP D 279 -2.11 24.12 -35.42
CA ASP D 279 -1.38 25.10 -36.19
C ASP D 279 -0.14 24.55 -36.87
N TYR D 280 0.51 23.57 -36.25
CA TYR D 280 1.69 22.94 -36.83
C TYR D 280 1.29 21.83 -37.82
N TYR D 281 0.30 21.02 -37.45
CA TYR D 281 -0.04 19.88 -38.29
C TYR D 281 -1.42 19.76 -38.94
N GLU D 282 -2.27 20.76 -38.72
CA GLU D 282 -3.60 20.78 -39.35
C GLU D 282 -4.61 19.76 -38.83
N ASN D 283 -4.22 18.49 -38.76
CA ASN D 283 -5.12 17.44 -38.27
C ASN D 283 -4.84 17.05 -36.83
N THR D 284 -5.81 17.27 -35.95
CA THR D 284 -5.67 16.87 -34.55
C THR D 284 -6.93 16.15 -34.12
N ILE D 285 -6.80 15.33 -33.10
CA ILE D 285 -7.90 14.58 -32.56
C ILE D 285 -7.82 14.65 -31.04
N ARG D 286 -8.93 15.03 -30.40
CA ARG D 286 -8.98 15.07 -28.94
C ARG D 286 -9.66 13.79 -28.54
N THR D 287 -9.01 12.96 -27.73
CA THR D 287 -9.64 11.70 -27.33
C THR D 287 -9.23 11.31 -25.88
N GLU D 288 -9.31 10.03 -25.53
CA GLU D 288 -8.95 9.55 -24.23
C GLU D 288 -8.68 8.07 -24.39
N VAL D 289 -8.37 7.37 -23.30
CA VAL D 289 -8.03 5.94 -23.37
C VAL D 289 -9.31 5.16 -23.69
N GLY D 290 -9.22 4.24 -24.64
CA GLY D 290 -10.38 3.46 -25.05
C GLY D 290 -10.45 2.10 -24.40
N LYS D 291 -11.56 1.40 -24.63
CA LYS D 291 -11.75 0.09 -24.04
C LYS D 291 -11.46 -1.11 -24.91
N GLY D 292 -11.02 -0.90 -26.16
CA GLY D 292 -10.70 -2.05 -26.96
C GLY D 292 -11.83 -2.33 -27.96
N VAL D 293 -11.66 -3.32 -28.81
CA VAL D 293 -12.69 -3.59 -29.80
C VAL D 293 -14.01 -3.94 -29.12
N GLU D 294 -15.12 -3.45 -29.68
CA GLU D 294 -16.43 -3.76 -29.10
C GLU D 294 -17.48 -3.78 -30.20
N VAL D 295 -18.53 -4.57 -29.99
CA VAL D 295 -19.61 -4.69 -30.97
C VAL D 295 -20.37 -3.38 -30.98
N VAL D 296 -20.71 -2.89 -32.17
CA VAL D 296 -21.46 -1.64 -32.30
C VAL D 296 -22.96 -1.89 -32.56
#